data_1A4K
#
_entry.id   1A4K
#
_cell.length_a   69.316
_cell.length_b   96.823
_cell.length_c   172.730
_cell.angle_alpha   90.00
_cell.angle_beta   90.00
_cell.angle_gamma   90.00
#
_symmetry.space_group_name_H-M   'P 21 21 21'
#
loop_
_entity.id
_entity.type
_entity.pdbx_description
1 polymer 'ANTIBODY FAB'
2 polymer 'ANTIBODY FAB'
3 non-polymer 'CADMIUM ION'
4 non-polymer '[4-(4-ACETYLAMINO-PHENYL)-3,5-DIOXO-4-AZA-TRICYCLO[5.2.2.0 2,6]UNDEC-1-YLCARBAMOYLOXY]-ACETIC ACID'
5 water water
#
loop_
_entity_poly.entity_id
_entity_poly.type
_entity_poly.pdbx_seq_one_letter_code
_entity_poly.pdbx_strand_id
1 'polypeptide(L)'
;ELVMTQTPLSLPVSLGDQASISCRSSQSLLHSNGNTYLHWYLQKPGQSPKLLIYKVSNRFSGVPDRFSGSGSGTDFTLKI
SRVEAEDLGVYFCSQVTHVPPTFGGGTKLEIKRTVAAPSVFIFPPSDEQLKSGTASVVCLLNNFYPREAKVQWKVDNALQ
SGNSQESVTEQDSKDSTYSLSSTLTLSKADYEKHKVYACEVTHQGLSSPVTKSFNRG
;
L,A
2 'polypeptide(L)'
;QVQLLESGPELKKPGETVKISCKASGYTFTNYGMNWVKQAPGKGLKWMGWINTYTGEPTYADDFKGRFAFSLETSASTAY
LQINNLKNEDTATYFCVQAERLRRTFDYWGAGTTVTVSSASTKGPSVFPLAPSSKSTSGGTAALGCLVKDYFPEPVTVSW
NSGALTSGVHTFPAVLQSSGLYSLSSVVTVPSSSLGTQTYICNVNHKPSNTKVDKKVEP
;
H,B
#
# COMPACT_ATOMS: atom_id res chain seq x y z
N GLU A 1 -6.36 -49.17 -10.54
CA GLU A 1 -6.51 -47.69 -10.38
C GLU A 1 -7.97 -47.36 -10.06
N LEU A 2 -8.20 -46.42 -9.14
CA LEU A 2 -9.59 -46.05 -8.80
C LEU A 2 -10.12 -44.94 -9.67
N VAL A 3 -11.00 -45.32 -10.57
CA VAL A 3 -11.58 -44.36 -11.48
C VAL A 3 -12.96 -43.94 -11.02
N MET A 4 -13.21 -42.64 -11.15
CA MET A 4 -14.49 -42.04 -10.82
C MET A 4 -15.05 -41.74 -12.21
N THR A 5 -16.29 -42.10 -12.46
CA THR A 5 -16.91 -41.88 -13.78
C THR A 5 -18.19 -41.07 -13.75
N GLN A 6 -18.10 -39.79 -14.13
CA GLN A 6 -19.29 -38.94 -14.16
C GLN A 6 -19.97 -39.11 -15.52
N THR A 7 -21.20 -39.64 -15.50
CA THR A 7 -21.92 -39.90 -16.74
C THR A 7 -22.11 -38.71 -17.66
N PRO A 8 -22.91 -37.71 -17.26
CA PRO A 8 -23.06 -36.59 -18.20
C PRO A 8 -21.85 -35.65 -18.18
N LEU A 9 -21.04 -35.69 -19.23
CA LEU A 9 -19.86 -34.83 -19.31
C LEU A 9 -20.30 -33.39 -19.54
N SER A 10 -21.42 -33.24 -20.24
CA SER A 10 -22.02 -31.95 -20.55
C SER A 10 -23.49 -32.03 -20.17
N LEU A 11 -23.95 -31.04 -19.39
CA LEU A 11 -25.33 -31.04 -18.95
C LEU A 11 -26.08 -29.75 -19.23
N PRO A 12 -26.74 -29.65 -20.38
CA PRO A 12 -27.48 -28.42 -20.66
C PRO A 12 -28.79 -28.51 -19.87
N VAL A 13 -29.21 -27.39 -19.32
CA VAL A 13 -30.45 -27.38 -18.55
C VAL A 13 -31.04 -25.97 -18.53
N SER A 14 -32.36 -25.88 -18.59
CA SER A 14 -33.05 -24.60 -18.59
C SER A 14 -33.04 -23.98 -17.20
N LEU A 15 -33.01 -22.65 -17.16
CA LEU A 15 -33.03 -21.95 -15.89
C LEU A 15 -34.29 -22.38 -15.16
N GLY A 16 -34.14 -22.72 -13.89
CA GLY A 16 -35.29 -23.15 -13.10
C GLY A 16 -35.49 -24.66 -13.10
N ASP A 17 -34.91 -25.33 -14.07
CA ASP A 17 -35.05 -26.79 -14.15
C ASP A 17 -34.06 -27.50 -13.24
N GLN A 18 -34.33 -28.77 -12.97
CA GLN A 18 -33.45 -29.56 -12.12
C GLN A 18 -32.39 -30.22 -12.98
N ALA A 19 -31.18 -30.36 -12.41
CA ALA A 19 -30.08 -30.99 -13.10
C ALA A 19 -29.56 -32.14 -12.23
N SER A 20 -29.17 -33.23 -12.85
CA SER A 20 -28.64 -34.38 -12.11
C SER A 20 -27.34 -34.90 -12.70
N ILE A 21 -26.34 -35.04 -11.83
CA ILE A 21 -25.03 -35.52 -12.23
C ILE A 21 -24.75 -36.81 -11.47
N SER A 22 -24.33 -37.84 -12.20
CA SER A 22 -24.02 -39.13 -11.61
C SER A 22 -22.52 -39.42 -11.64
N CYS A 23 -22.02 -40.03 -10.57
CA CYS A 23 -20.61 -40.39 -10.45
C CYS A 23 -20.59 -41.86 -10.02
N ARG A 24 -19.88 -42.69 -10.76
CA ARG A 24 -19.79 -44.11 -10.47
C ARG A 24 -18.31 -44.52 -10.34
N SER A 25 -17.94 -45.07 -9.19
CA SER A 25 -16.56 -45.49 -8.93
C SER A 25 -16.32 -46.97 -9.11
N SER A 26 -15.08 -47.33 -9.46
CA SER A 26 -14.71 -48.74 -9.67
C SER A 26 -14.58 -49.55 -8.38
N GLN A 27 -14.61 -48.88 -7.24
CA GLN A 27 -14.50 -49.54 -5.95
C GLN A 27 -15.49 -48.91 -5.01
N SER A 28 -15.97 -49.69 -4.04
CA SER A 28 -16.92 -49.16 -3.09
C SER A 28 -16.20 -48.05 -2.33
N LEU A 29 -16.93 -46.96 -2.08
CA LEU A 29 -16.38 -45.81 -1.36
C LEU A 29 -16.68 -45.89 0.12
N LEU A 30 -17.39 -46.94 0.53
CA LEU A 30 -17.73 -47.15 1.93
C LEU A 30 -16.43 -47.55 2.62
N HIS A 31 -16.06 -46.83 3.66
CA HIS A 31 -14.82 -47.13 4.37
C HIS A 31 -15.03 -48.20 5.43
N SER A 32 -13.93 -48.86 5.79
CA SER A 32 -13.96 -49.91 6.78
C SER A 32 -14.38 -49.34 8.13
N ASN A 33 -14.50 -48.01 8.19
CA ASN A 33 -14.90 -47.35 9.42
C ASN A 33 -16.34 -46.89 9.32
N GLY A 34 -17.04 -47.35 8.29
CA GLY A 34 -18.44 -47.00 8.12
C GLY A 34 -18.71 -45.71 7.39
N ASN A 35 -17.67 -44.92 7.18
CA ASN A 35 -17.81 -43.64 6.50
C ASN A 35 -17.67 -43.80 4.98
N THR A 36 -18.34 -42.92 4.24
CA THR A 36 -18.26 -42.92 2.77
C THR A 36 -17.85 -41.51 2.38
N TYR A 37 -16.57 -41.35 2.03
CA TYR A 37 -16.01 -40.06 1.65
C TYR A 37 -16.12 -39.70 0.18
N LEU A 38 -17.33 -39.35 -0.26
CA LEU A 38 -17.60 -38.96 -1.64
C LEU A 38 -18.03 -37.49 -1.61
N HIS A 39 -17.19 -36.61 -2.14
CA HIS A 39 -17.50 -35.19 -2.14
C HIS A 39 -17.79 -34.62 -3.53
N TRP A 40 -18.46 -33.48 -3.56
CA TRP A 40 -18.81 -32.84 -4.81
C TRP A 40 -18.26 -31.42 -4.80
N TYR A 41 -17.58 -31.06 -5.88
CA TYR A 41 -16.98 -29.73 -6.00
C TYR A 41 -17.47 -29.02 -7.22
N LEU A 42 -17.50 -27.69 -7.14
CA LEU A 42 -17.90 -26.87 -8.27
C LEU A 42 -16.74 -25.93 -8.62
N GLN A 43 -16.37 -25.86 -9.90
CA GLN A 43 -15.29 -24.98 -10.30
C GLN A 43 -15.85 -23.99 -11.31
N LYS A 44 -16.20 -22.80 -10.83
CA LYS A 44 -16.76 -21.77 -11.69
C LYS A 44 -15.70 -21.22 -12.64
N PRO A 45 -16.13 -20.58 -13.75
CA PRO A 45 -15.19 -20.03 -14.73
C PRO A 45 -14.16 -19.06 -14.16
N GLY A 46 -12.89 -19.29 -14.52
CA GLY A 46 -11.81 -18.44 -14.03
C GLY A 46 -11.80 -18.42 -12.52
N GLN A 47 -11.86 -19.61 -11.94
CA GLN A 47 -11.88 -19.77 -10.49
C GLN A 47 -11.40 -21.14 -10.05
N SER A 48 -11.10 -21.25 -8.77
CA SER A 48 -10.66 -22.51 -8.17
C SER A 48 -11.91 -23.24 -7.69
N PRO A 49 -11.82 -24.56 -7.53
CA PRO A 49 -12.99 -25.30 -7.06
C PRO A 49 -13.42 -24.97 -5.62
N LYS A 50 -14.72 -25.13 -5.36
CA LYS A 50 -15.29 -24.90 -4.04
C LYS A 50 -16.06 -26.16 -3.70
N LEU A 51 -15.93 -26.61 -2.46
CA LEU A 51 -16.62 -27.79 -1.98
C LEU A 51 -18.12 -27.51 -1.83
N LEU A 52 -18.96 -28.45 -2.28
CA LEU A 52 -20.41 -28.29 -2.18
C LEU A 52 -21.04 -29.26 -1.16
N ILE A 53 -20.90 -30.55 -1.46
CA ILE A 53 -21.44 -31.62 -0.63
C ILE A 53 -20.29 -32.52 -0.21
N TYR A 54 -20.27 -32.90 1.06
CA TYR A 54 -19.24 -33.80 1.56
C TYR A 54 -19.84 -35.09 2.14
N LYS A 55 -19.04 -36.15 2.15
CA LYS A 55 -19.51 -37.43 2.65
C LYS A 55 -20.91 -37.71 2.12
N VAL A 56 -21.02 -37.78 0.80
CA VAL A 56 -22.27 -38.09 0.12
C VAL A 56 -23.40 -37.09 0.09
N SER A 57 -23.94 -36.75 1.25
CA SER A 57 -25.09 -35.86 1.29
C SER A 57 -24.99 -34.59 2.13
N ASN A 58 -23.86 -34.32 2.74
CA ASN A 58 -23.74 -33.14 3.60
C ASN A 58 -23.37 -31.81 2.94
N ARG A 59 -24.29 -30.86 2.95
CA ARG A 59 -24.02 -29.56 2.36
C ARG A 59 -22.95 -28.84 3.16
N PHE A 60 -21.99 -28.27 2.45
CA PHE A 60 -20.92 -27.53 3.09
C PHE A 60 -21.41 -26.12 3.43
N SER A 61 -20.70 -25.44 4.31
CA SER A 61 -21.06 -24.09 4.72
C SER A 61 -21.07 -23.11 3.54
N GLY A 62 -22.18 -22.40 3.39
CA GLY A 62 -22.32 -21.43 2.32
C GLY A 62 -22.97 -21.98 1.07
N VAL A 63 -23.26 -23.29 1.08
CA VAL A 63 -23.87 -23.94 -0.08
C VAL A 63 -25.40 -23.94 -0.03
N PRO A 64 -26.04 -23.29 -1.02
CA PRO A 64 -27.50 -23.24 -1.09
C PRO A 64 -28.11 -24.62 -0.91
N ASP A 65 -29.37 -24.66 -0.50
CA ASP A 65 -30.07 -25.92 -0.27
C ASP A 65 -30.58 -26.57 -1.55
N ARG A 66 -30.41 -25.87 -2.67
CA ARG A 66 -30.84 -26.41 -3.95
C ARG A 66 -29.93 -27.59 -4.31
N PHE A 67 -28.75 -27.59 -3.70
CA PHE A 67 -27.77 -28.65 -3.92
C PHE A 67 -27.98 -29.78 -2.93
N SER A 68 -27.95 -31.00 -3.43
CA SER A 68 -28.12 -32.16 -2.58
C SER A 68 -27.44 -33.33 -3.25
N GLY A 69 -27.00 -34.30 -2.45
CA GLY A 69 -26.35 -35.47 -3.01
C GLY A 69 -26.89 -36.74 -2.38
N SER A 70 -26.79 -37.86 -3.08
CA SER A 70 -27.26 -39.14 -2.55
C SER A 70 -26.36 -40.23 -3.13
N GLY A 71 -26.59 -41.48 -2.71
CA GLY A 71 -25.79 -42.58 -3.23
C GLY A 71 -25.10 -43.38 -2.14
N SER A 72 -24.57 -44.54 -2.53
CA SER A 72 -23.87 -45.44 -1.60
C SER A 72 -22.99 -46.43 -2.39
N GLY A 73 -22.01 -47.00 -1.71
CA GLY A 73 -21.14 -47.95 -2.37
C GLY A 73 -20.34 -47.38 -3.53
N THR A 74 -20.82 -47.60 -4.75
CA THR A 74 -20.13 -47.11 -5.93
C THR A 74 -21.00 -46.22 -6.80
N ASP A 75 -22.23 -45.97 -6.39
CA ASP A 75 -23.11 -45.13 -7.17
C ASP A 75 -23.62 -43.92 -6.41
N PHE A 76 -23.31 -42.74 -6.94
CA PHE A 76 -23.69 -41.49 -6.32
C PHE A 76 -24.34 -40.49 -7.28
N THR A 77 -25.10 -39.56 -6.73
CA THR A 77 -25.81 -38.55 -7.51
C THR A 77 -25.83 -37.20 -6.84
N LEU A 78 -25.64 -36.16 -7.63
CA LEU A 78 -25.69 -34.80 -7.12
C LEU A 78 -26.87 -34.19 -7.86
N LYS A 79 -27.64 -33.37 -7.17
CA LYS A 79 -28.79 -32.74 -7.81
C LYS A 79 -28.89 -31.27 -7.51
N ILE A 80 -29.17 -30.51 -8.55
CA ILE A 80 -29.32 -29.07 -8.44
C ILE A 80 -30.78 -28.79 -8.76
N SER A 81 -31.53 -28.39 -7.76
CA SER A 81 -32.94 -28.10 -7.97
C SER A 81 -33.03 -26.64 -8.39
N ARG A 82 -33.90 -26.36 -9.36
CA ARG A 82 -34.06 -25.00 -9.85
C ARG A 82 -32.70 -24.42 -10.20
N VAL A 83 -32.19 -24.74 -11.38
CA VAL A 83 -30.88 -24.25 -11.80
C VAL A 83 -30.88 -22.74 -12.05
N GLU A 84 -29.77 -22.08 -11.69
CA GLU A 84 -29.63 -20.64 -11.87
C GLU A 84 -28.40 -20.37 -12.70
N ALA A 85 -28.21 -19.11 -13.10
CA ALA A 85 -27.04 -18.73 -13.88
C ALA A 85 -25.79 -18.86 -13.01
N GLU A 86 -25.94 -18.61 -11.70
CA GLU A 86 -24.83 -18.71 -10.76
C GLU A 86 -24.24 -20.12 -10.71
N ASP A 87 -24.97 -21.09 -11.24
CA ASP A 87 -24.54 -22.49 -11.23
C ASP A 87 -23.59 -22.91 -12.34
N LEU A 88 -23.26 -22.00 -13.26
CA LEU A 88 -22.37 -22.35 -14.35
C LEU A 88 -20.97 -22.72 -13.83
N GLY A 89 -20.40 -23.77 -14.40
CA GLY A 89 -19.08 -24.20 -14.00
C GLY A 89 -18.93 -25.69 -14.20
N VAL A 90 -17.83 -26.26 -13.73
CA VAL A 90 -17.61 -27.68 -13.86
C VAL A 90 -17.80 -28.35 -12.51
N TYR A 91 -18.61 -29.41 -12.50
CA TYR A 91 -18.91 -30.17 -11.30
C TYR A 91 -18.13 -31.46 -11.34
N PHE A 92 -17.40 -31.75 -10.27
CA PHE A 92 -16.66 -33.01 -10.23
C PHE A 92 -16.69 -33.67 -8.86
N CYS A 93 -16.82 -34.99 -8.87
CA CYS A 93 -16.86 -35.77 -7.65
C CYS A 93 -15.44 -36.10 -7.26
N SER A 94 -15.27 -36.40 -5.98
CA SER A 94 -13.97 -36.73 -5.45
C SER A 94 -14.15 -37.81 -4.39
N GLN A 95 -13.30 -38.82 -4.45
CA GLN A 95 -13.35 -39.88 -3.48
C GLN A 95 -12.12 -39.72 -2.61
N VAL A 96 -12.30 -39.90 -1.31
CA VAL A 96 -11.17 -39.80 -0.38
C VAL A 96 -11.18 -40.99 0.57
N THR A 97 -11.87 -42.06 0.19
CA THR A 97 -11.92 -43.26 1.02
C THR A 97 -10.66 -44.09 0.87
N HIS A 98 -10.18 -44.22 -0.37
CA HIS A 98 -9.00 -45.04 -0.67
C HIS A 98 -7.70 -44.31 -1.00
N VAL A 99 -6.61 -45.07 -0.83
CA VAL A 99 -5.20 -44.66 -1.06
C VAL A 99 -5.02 -43.22 -1.49
N PRO A 100 -4.82 -42.94 -2.80
CA PRO A 100 -4.68 -41.52 -3.08
C PRO A 100 -6.06 -41.00 -3.48
N PRO A 101 -6.45 -39.83 -2.97
CA PRO A 101 -7.78 -39.35 -3.38
C PRO A 101 -7.83 -39.17 -4.90
N THR A 102 -8.98 -39.44 -5.51
CA THR A 102 -9.09 -39.26 -6.95
C THR A 102 -10.33 -38.44 -7.28
N PHE A 103 -10.35 -37.89 -8.49
CA PHE A 103 -11.45 -37.06 -8.93
C PHE A 103 -12.10 -37.58 -10.20
N GLY A 104 -13.30 -37.09 -10.50
CA GLY A 104 -14.00 -37.48 -11.71
C GLY A 104 -13.60 -36.53 -12.82
N GLY A 105 -13.88 -36.87 -14.07
CA GLY A 105 -13.51 -36.03 -15.19
C GLY A 105 -14.13 -34.65 -15.19
N GLY A 106 -15.32 -34.52 -14.61
CA GLY A 106 -15.98 -33.24 -14.57
C GLY A 106 -17.24 -33.25 -15.41
N THR A 107 -18.12 -32.28 -15.17
CA THR A 107 -19.36 -32.13 -15.92
C THR A 107 -19.54 -30.63 -16.06
N LYS A 108 -19.71 -30.18 -17.29
CA LYS A 108 -19.89 -28.75 -17.53
C LYS A 108 -21.37 -28.45 -17.66
N LEU A 109 -21.91 -27.69 -16.72
CA LEU A 109 -23.31 -27.32 -16.74
C LEU A 109 -23.49 -26.17 -17.71
N GLU A 110 -24.40 -26.33 -18.67
CA GLU A 110 -24.64 -25.28 -19.64
C GLU A 110 -26.09 -24.83 -19.51
N ILE A 111 -26.31 -23.52 -19.59
CA ILE A 111 -27.64 -22.97 -19.48
C ILE A 111 -28.40 -22.93 -20.80
N LYS A 112 -29.48 -23.69 -20.86
CA LYS A 112 -30.29 -23.75 -22.05
C LYS A 112 -31.12 -22.47 -22.13
N ARG A 113 -31.16 -21.85 -23.31
CA ARG A 113 -31.94 -20.64 -23.51
C ARG A 113 -32.36 -20.59 -24.97
N THR A 114 -33.32 -19.73 -25.29
CA THR A 114 -33.80 -19.65 -26.66
C THR A 114 -32.70 -19.30 -27.63
N VAL A 115 -32.82 -19.87 -28.83
CA VAL A 115 -31.87 -19.67 -29.91
C VAL A 115 -31.67 -18.19 -30.17
N ALA A 116 -30.43 -17.78 -30.45
CA ALA A 116 -30.12 -16.37 -30.73
C ALA A 116 -29.05 -16.24 -31.80
N ALA A 117 -29.43 -15.74 -32.97
CA ALA A 117 -28.49 -15.56 -34.06
C ALA A 117 -27.39 -14.59 -33.66
N PRO A 118 -26.17 -14.80 -34.18
CA PRO A 118 -25.07 -13.91 -33.83
C PRO A 118 -25.04 -12.70 -34.73
N SER A 119 -24.42 -11.62 -34.24
CA SER A 119 -24.27 -10.40 -35.04
C SER A 119 -22.87 -10.56 -35.62
N VAL A 120 -22.76 -10.63 -36.95
CA VAL A 120 -21.45 -10.82 -37.56
C VAL A 120 -20.79 -9.55 -38.07
N PHE A 121 -19.52 -9.40 -37.70
CA PHE A 121 -18.69 -8.26 -38.09
C PHE A 121 -17.39 -8.82 -38.67
N ILE A 122 -16.76 -8.05 -39.56
CA ILE A 122 -15.50 -8.47 -40.17
C ILE A 122 -14.51 -7.31 -40.07
N PHE A 123 -13.28 -7.62 -39.70
CA PHE A 123 -12.23 -6.60 -39.56
C PHE A 123 -11.06 -6.94 -40.46
N PRO A 124 -10.65 -5.99 -41.32
CA PRO A 124 -9.52 -6.22 -42.23
C PRO A 124 -8.21 -6.02 -41.47
N PRO A 125 -7.11 -6.57 -42.01
CA PRO A 125 -5.82 -6.41 -41.33
C PRO A 125 -5.48 -4.94 -41.10
N SER A 126 -4.63 -4.68 -40.10
CA SER A 126 -4.22 -3.32 -39.78
C SER A 126 -3.05 -2.91 -40.67
N ASP A 127 -2.80 -1.61 -40.75
CA ASP A 127 -1.69 -1.11 -41.56
C ASP A 127 -0.39 -1.46 -40.85
N GLU A 128 -0.35 -1.16 -39.56
CA GLU A 128 0.81 -1.44 -38.75
C GLU A 128 1.17 -2.92 -38.88
N GLN A 129 0.15 -3.78 -38.90
CA GLN A 129 0.38 -5.22 -39.02
C GLN A 129 0.83 -5.56 -40.42
N LEU A 130 0.23 -4.90 -41.40
CA LEU A 130 0.58 -5.15 -42.80
C LEU A 130 2.04 -4.76 -43.05
N LYS A 131 2.36 -3.52 -42.70
CA LYS A 131 3.71 -3.00 -42.87
C LYS A 131 4.75 -3.84 -42.15
N SER A 132 4.32 -4.94 -41.52
CA SER A 132 5.25 -5.80 -40.82
C SER A 132 5.39 -7.19 -41.47
N GLY A 133 4.62 -7.42 -42.54
CA GLY A 133 4.73 -8.68 -43.25
C GLY A 133 3.57 -9.66 -43.24
N THR A 134 2.65 -9.54 -42.29
CA THR A 134 1.52 -10.47 -42.23
C THR A 134 0.18 -9.78 -42.15
N ALA A 135 -0.85 -10.47 -42.63
CA ALA A 135 -2.20 -9.94 -42.60
C ALA A 135 -3.11 -10.83 -41.78
N SER A 136 -3.88 -10.21 -40.88
CA SER A 136 -4.80 -10.93 -40.03
C SER A 136 -6.21 -10.39 -40.24
N VAL A 137 -7.09 -11.24 -40.78
CA VAL A 137 -8.48 -10.87 -41.01
C VAL A 137 -9.31 -11.52 -39.93
N VAL A 138 -10.01 -10.70 -39.14
CA VAL A 138 -10.83 -11.21 -38.05
C VAL A 138 -12.34 -11.11 -38.32
N CYS A 139 -13.05 -12.22 -38.10
CA CYS A 139 -14.50 -12.30 -38.27
C CYS A 139 -15.07 -12.57 -36.87
N LEU A 140 -16.03 -11.76 -36.44
CA LEU A 140 -16.61 -11.89 -35.11
C LEU A 140 -18.12 -12.23 -35.06
N LEU A 141 -18.46 -13.26 -34.29
CA LEU A 141 -19.86 -13.71 -34.12
C LEU A 141 -20.26 -13.35 -32.69
N ASN A 142 -21.01 -12.26 -32.54
CA ASN A 142 -21.41 -11.83 -31.20
C ASN A 142 -22.74 -12.31 -30.67
N ASN A 143 -22.73 -12.70 -29.40
CA ASN A 143 -23.90 -13.16 -28.65
C ASN A 143 -24.85 -14.12 -29.34
N PHE A 144 -24.49 -15.39 -29.43
CA PHE A 144 -25.36 -16.34 -30.08
C PHE A 144 -25.62 -17.59 -29.24
N TYR A 145 -26.58 -18.40 -29.67
CA TYR A 145 -26.92 -19.63 -28.99
C TYR A 145 -27.79 -20.45 -29.92
N PRO A 146 -27.58 -21.78 -29.98
CA PRO A 146 -26.55 -22.46 -29.17
C PRO A 146 -25.12 -22.21 -29.62
N ARG A 147 -24.20 -22.99 -29.06
CA ARG A 147 -22.78 -22.86 -29.35
C ARG A 147 -22.44 -23.16 -30.79
N GLU A 148 -22.91 -24.31 -31.29
CA GLU A 148 -22.60 -24.71 -32.66
C GLU A 148 -22.81 -23.61 -33.69
N ALA A 149 -21.70 -23.18 -34.29
CA ALA A 149 -21.71 -22.15 -35.32
C ALA A 149 -20.56 -22.46 -36.27
N LYS A 150 -20.82 -22.31 -37.57
CA LYS A 150 -19.80 -22.58 -38.56
C LYS A 150 -19.38 -21.31 -39.27
N VAL A 151 -18.08 -21.18 -39.48
CA VAL A 151 -17.53 -20.01 -40.15
C VAL A 151 -16.61 -20.49 -41.27
N GLN A 152 -16.90 -20.09 -42.50
CA GLN A 152 -16.07 -20.45 -43.65
C GLN A 152 -15.50 -19.16 -44.25
N TRP A 153 -14.19 -19.15 -44.52
CA TRP A 153 -13.54 -17.98 -45.09
C TRP A 153 -13.43 -18.12 -46.61
N LYS A 154 -13.75 -17.06 -47.34
CA LYS A 154 -13.67 -17.09 -48.79
C LYS A 154 -12.94 -15.86 -49.30
N VAL A 155 -11.86 -16.09 -50.03
CA VAL A 155 -11.06 -15.02 -50.60
C VAL A 155 -11.13 -15.14 -52.12
N ASP A 156 -11.34 -14.02 -52.82
CA ASP A 156 -11.46 -14.05 -54.27
C ASP A 156 -12.67 -14.95 -54.53
N ASN A 157 -13.38 -15.28 -53.44
CA ASN A 157 -14.57 -16.13 -53.46
C ASN A 157 -14.21 -17.62 -53.38
N ALA A 158 -12.98 -17.90 -52.98
CA ALA A 158 -12.51 -19.28 -52.86
C ALA A 158 -12.54 -19.71 -51.39
N LEU A 159 -13.20 -20.82 -51.11
CA LEU A 159 -13.28 -21.28 -49.75
C LEU A 159 -11.89 -21.59 -49.20
N GLN A 160 -11.39 -20.68 -48.37
CA GLN A 160 -10.08 -20.84 -47.75
C GLN A 160 -10.15 -22.07 -46.86
N SER A 161 -9.01 -22.72 -46.66
CA SER A 161 -8.98 -23.91 -45.86
C SER A 161 -7.59 -24.10 -45.23
N GLY A 162 -7.56 -24.24 -43.91
CA GLY A 162 -6.30 -24.44 -43.21
C GLY A 162 -5.58 -23.19 -42.73
N ASN A 163 -6.07 -22.02 -43.09
CA ASN A 163 -5.40 -20.78 -42.69
C ASN A 163 -6.20 -19.93 -41.71
N SER A 164 -7.05 -20.58 -40.90
CA SER A 164 -7.86 -19.86 -39.93
C SER A 164 -8.03 -20.62 -38.61
N GLN A 165 -8.05 -19.87 -37.51
CA GLN A 165 -8.21 -20.43 -36.18
C GLN A 165 -9.32 -19.64 -35.48
N GLU A 166 -10.05 -20.28 -34.58
CA GLU A 166 -11.10 -19.57 -33.88
C GLU A 166 -11.13 -19.85 -32.39
N SER A 167 -11.74 -18.94 -31.65
CA SER A 167 -11.86 -19.02 -30.21
C SER A 167 -13.26 -18.59 -29.78
N VAL A 168 -13.86 -19.33 -28.86
CA VAL A 168 -15.20 -19.01 -28.39
C VAL A 168 -15.22 -18.80 -26.87
N THR A 169 -15.82 -17.70 -26.43
CA THR A 169 -15.90 -17.39 -25.01
C THR A 169 -16.75 -18.41 -24.26
N GLU A 170 -16.68 -18.33 -22.94
CA GLU A 170 -17.47 -19.22 -22.08
C GLU A 170 -18.90 -18.67 -22.07
N GLN A 171 -19.89 -19.52 -21.83
CA GLN A 171 -21.28 -19.07 -21.82
C GLN A 171 -21.49 -17.87 -20.90
N ASP A 172 -21.92 -16.75 -21.47
CA ASP A 172 -22.12 -15.53 -20.71
C ASP A 172 -23.07 -15.72 -19.52
N SER A 173 -22.65 -15.24 -18.36
CA SER A 173 -23.40 -15.37 -17.13
C SER A 173 -24.55 -14.38 -16.95
N LYS A 174 -25.02 -13.80 -18.05
CA LYS A 174 -26.13 -12.87 -17.98
C LYS A 174 -27.17 -13.21 -19.03
N ASP A 175 -26.70 -13.46 -20.24
CA ASP A 175 -27.61 -13.80 -21.33
C ASP A 175 -27.52 -15.25 -21.76
N SER A 176 -26.53 -15.97 -21.21
CA SER A 176 -26.34 -17.38 -21.53
C SER A 176 -25.92 -17.66 -22.99
N THR A 177 -25.37 -16.64 -23.65
CA THR A 177 -24.96 -16.80 -25.03
C THR A 177 -23.45 -16.95 -25.13
N TYR A 178 -23.00 -17.29 -26.33
CA TYR A 178 -21.58 -17.45 -26.60
C TYR A 178 -21.13 -16.36 -27.60
N SER A 179 -19.82 -16.30 -27.81
CA SER A 179 -19.25 -15.34 -28.73
C SER A 179 -18.03 -16.02 -29.32
N LEU A 180 -17.91 -15.90 -30.64
CA LEU A 180 -16.83 -16.54 -31.39
C LEU A 180 -16.00 -15.50 -32.13
N SER A 181 -14.74 -15.84 -32.36
CA SER A 181 -13.83 -14.97 -33.09
C SER A 181 -13.01 -15.84 -34.03
N SER A 182 -12.97 -15.49 -35.30
CA SER A 182 -12.22 -16.28 -36.28
C SER A 182 -11.17 -15.44 -36.96
N THR A 183 -9.94 -15.96 -36.99
CA THR A 183 -8.84 -15.24 -37.62
C THR A 183 -8.19 -15.98 -38.76
N LEU A 184 -8.20 -15.33 -39.92
CA LEU A 184 -7.61 -15.88 -41.13
C LEU A 184 -6.28 -15.14 -41.26
N THR A 185 -5.21 -15.89 -41.41
CA THR A 185 -3.89 -15.27 -41.55
C THR A 185 -3.18 -15.60 -42.85
N LEU A 186 -2.63 -14.56 -43.48
CA LEU A 186 -1.90 -14.69 -44.73
C LEU A 186 -0.64 -13.84 -44.63
N SER A 187 0.23 -13.97 -45.62
CA SER A 187 1.46 -13.17 -45.67
C SER A 187 1.09 -11.94 -46.49
N LYS A 188 1.61 -10.77 -46.11
CA LYS A 188 1.31 -9.55 -46.85
C LYS A 188 1.32 -9.90 -48.32
N ALA A 189 2.28 -10.75 -48.70
CA ALA A 189 2.45 -11.21 -50.07
C ALA A 189 1.17 -11.84 -50.61
N ASP A 190 0.74 -12.93 -49.99
CA ASP A 190 -0.46 -13.63 -50.43
C ASP A 190 -1.73 -12.80 -50.24
N TYR A 191 -1.69 -11.87 -49.29
CA TYR A 191 -2.83 -11.02 -49.01
C TYR A 191 -3.06 -10.03 -50.16
N GLU A 192 -2.00 -9.78 -50.92
CA GLU A 192 -2.10 -8.85 -52.05
C GLU A 192 -2.66 -9.51 -53.31
N LYS A 193 -2.29 -10.77 -53.54
CA LYS A 193 -2.74 -11.50 -54.72
C LYS A 193 -4.26 -11.74 -54.81
N HIS A 194 -5.04 -11.05 -53.97
CA HIS A 194 -6.49 -11.20 -54.00
C HIS A 194 -7.21 -9.96 -53.49
N LYS A 195 -8.49 -9.82 -53.82
CA LYS A 195 -9.27 -8.64 -53.43
C LYS A 195 -10.40 -8.84 -52.42
N VAL A 196 -11.30 -9.78 -52.71
CA VAL A 196 -12.43 -10.03 -51.82
C VAL A 196 -12.14 -11.03 -50.70
N TYR A 197 -12.38 -10.59 -49.47
CA TYR A 197 -12.20 -11.43 -48.29
C TYR A 197 -13.52 -11.43 -47.56
N ALA A 198 -14.11 -12.61 -47.42
CA ALA A 198 -15.39 -12.73 -46.75
C ALA A 198 -15.40 -13.88 -45.74
N CYS A 199 -16.30 -13.78 -44.77
CA CYS A 199 -16.46 -14.85 -43.78
C CYS A 199 -17.93 -15.23 -43.81
N GLU A 200 -18.19 -16.46 -44.23
CA GLU A 200 -19.55 -16.98 -44.33
C GLU A 200 -19.96 -17.70 -43.06
N VAL A 201 -20.78 -17.03 -42.25
CA VAL A 201 -21.24 -17.61 -41.01
C VAL A 201 -22.59 -18.29 -41.16
N THR A 202 -22.74 -19.47 -40.57
CA THR A 202 -23.99 -20.20 -40.64
C THR A 202 -24.38 -20.70 -39.24
N HIS A 203 -25.46 -20.14 -38.71
CA HIS A 203 -25.95 -20.51 -37.38
C HIS A 203 -27.41 -20.93 -37.43
N GLN A 204 -27.84 -21.74 -36.46
CA GLN A 204 -29.22 -22.20 -36.41
C GLN A 204 -30.15 -21.00 -36.42
N GLY A 205 -29.76 -19.95 -35.69
CA GLY A 205 -30.56 -18.74 -35.61
C GLY A 205 -30.61 -17.93 -36.89
N LEU A 206 -30.24 -18.55 -38.01
CA LEU A 206 -30.23 -17.89 -39.32
C LEU A 206 -30.93 -18.74 -40.36
N SER A 207 -31.83 -18.12 -41.14
CA SER A 207 -32.57 -18.82 -42.18
C SER A 207 -31.61 -19.33 -43.25
N SER A 208 -30.67 -18.47 -43.64
CA SER A 208 -29.67 -18.78 -44.66
C SER A 208 -28.29 -18.24 -44.29
N PRO A 209 -27.24 -19.05 -44.47
CA PRO A 209 -25.86 -18.65 -44.16
C PRO A 209 -25.60 -17.17 -44.48
N VAL A 210 -25.29 -16.39 -43.46
CA VAL A 210 -24.99 -14.98 -43.68
C VAL A 210 -23.50 -14.83 -43.94
N THR A 211 -23.13 -13.81 -44.70
CA THR A 211 -21.74 -13.59 -45.01
C THR A 211 -21.40 -12.11 -44.97
N LYS A 212 -20.18 -11.79 -44.52
CA LYS A 212 -19.69 -10.42 -44.45
C LYS A 212 -18.33 -10.41 -45.13
N SER A 213 -18.01 -9.31 -45.80
CA SER A 213 -16.74 -9.21 -46.51
C SER A 213 -16.31 -7.78 -46.72
N PHE A 214 -15.02 -7.57 -46.92
CA PHE A 214 -14.54 -6.23 -47.15
C PHE A 214 -13.97 -6.06 -48.54
N ASN A 215 -14.09 -4.81 -49.01
CA ASN A 215 -13.64 -4.38 -50.32
C ASN A 215 -12.18 -4.69 -50.70
N ARG A 216 -11.27 -3.79 -50.35
CA ARG A 216 -9.85 -3.92 -50.70
C ARG A 216 -9.17 -5.24 -50.37
N GLY A 217 -7.85 -5.26 -50.55
CA GLY A 217 -7.05 -6.46 -50.29
C GLY A 217 -5.69 -6.44 -50.99
N GLN B 1 -10.50 -17.60 7.97
CA GLN B 1 -9.98 -16.99 6.72
C GLN B 1 -9.74 -18.06 5.65
N VAL B 2 -8.90 -19.03 5.99
CA VAL B 2 -8.54 -20.12 5.09
C VAL B 2 -7.76 -19.57 3.90
N GLN B 3 -7.52 -18.26 3.91
CA GLN B 3 -6.79 -17.55 2.85
C GLN B 3 -5.43 -18.16 2.57
N LEU B 4 -5.19 -18.37 1.27
CA LEU B 4 -3.95 -18.94 0.80
C LEU B 4 -3.30 -18.00 -0.20
N LEU B 5 -2.03 -17.69 -0.01
CA LEU B 5 -1.31 -16.82 -0.92
C LEU B 5 -0.38 -17.70 -1.75
N GLU B 6 -0.68 -17.87 -3.03
CA GLU B 6 0.13 -18.70 -3.91
C GLU B 6 1.21 -17.84 -4.54
N SER B 7 2.32 -18.45 -4.91
CA SER B 7 3.40 -17.72 -5.55
C SER B 7 3.10 -17.59 -7.05
N GLY B 8 3.79 -16.67 -7.71
CA GLY B 8 3.56 -16.42 -9.13
C GLY B 8 3.87 -17.49 -10.15
N PRO B 9 3.42 -17.30 -11.41
CA PRO B 9 3.62 -18.21 -12.54
C PRO B 9 5.08 -18.40 -12.83
N GLU B 10 5.46 -19.60 -13.26
CA GLU B 10 6.86 -19.90 -13.53
C GLU B 10 7.10 -20.45 -14.93
N LEU B 11 8.19 -19.97 -15.53
CA LEU B 11 8.59 -20.42 -16.86
C LEU B 11 10.00 -21.00 -16.68
N LYS B 12 10.21 -22.20 -17.21
CA LYS B 12 11.50 -22.85 -17.05
C LYS B 12 11.76 -23.82 -18.20
N LYS B 13 13.03 -24.13 -18.42
CA LYS B 13 13.42 -25.05 -19.47
C LYS B 13 13.55 -26.42 -18.87
N PRO B 14 13.46 -27.46 -19.70
CA PRO B 14 13.59 -28.81 -19.16
C PRO B 14 14.87 -28.98 -18.31
N GLY B 15 14.81 -29.87 -17.31
CA GLY B 15 15.95 -30.14 -16.45
C GLY B 15 16.23 -29.18 -15.31
N GLU B 16 15.54 -28.05 -15.27
CA GLU B 16 15.75 -27.09 -14.21
C GLU B 16 14.90 -27.50 -13.02
N THR B 17 14.72 -26.58 -12.07
CA THR B 17 13.93 -26.82 -10.86
C THR B 17 13.04 -25.63 -10.46
N VAL B 18 11.83 -25.92 -9.98
CA VAL B 18 10.91 -24.88 -9.51
C VAL B 18 10.58 -25.13 -8.06
N LYS B 19 10.15 -24.08 -7.39
CA LYS B 19 9.74 -24.16 -6.01
C LYS B 19 8.58 -23.18 -5.87
N ILE B 20 7.38 -23.73 -5.73
CA ILE B 20 6.17 -22.94 -5.56
C ILE B 20 5.91 -22.88 -4.06
N SER B 21 5.34 -21.77 -3.61
CA SER B 21 5.04 -21.59 -2.22
C SER B 21 3.56 -21.29 -2.04
N CYS B 22 3.10 -21.40 -0.80
CA CYS B 22 1.70 -21.15 -0.50
C CYS B 22 1.65 -20.71 0.95
N LYS B 23 1.33 -19.45 1.16
CA LYS B 23 1.27 -18.90 2.50
C LYS B 23 -0.15 -18.98 3.04
N ALA B 24 -0.33 -19.75 4.12
CA ALA B 24 -1.65 -19.88 4.72
C ALA B 24 -1.78 -18.79 5.78
N SER B 25 -2.97 -18.21 5.87
CA SER B 25 -3.21 -17.16 6.86
C SER B 25 -2.89 -17.69 8.26
N GLY B 26 -2.88 -16.78 9.23
CA GLY B 26 -2.61 -17.17 10.60
C GLY B 26 -3.88 -17.81 11.11
N TYR B 27 -3.77 -18.65 12.14
CA TYR B 27 -4.94 -19.32 12.70
C TYR B 27 -5.62 -20.23 11.67
N THR B 28 -4.92 -20.53 10.58
CA THR B 28 -5.45 -21.41 9.55
C THR B 28 -4.42 -22.52 9.26
N PHE B 29 -3.16 -22.11 9.25
CA PHE B 29 -2.01 -22.98 8.99
C PHE B 29 -2.03 -24.37 9.63
N THR B 30 -2.16 -24.43 10.96
CA THR B 30 -2.15 -25.72 11.65
C THR B 30 -3.54 -26.31 11.91
N ASN B 31 -4.54 -25.86 11.14
CA ASN B 31 -5.89 -26.37 11.30
C ASN B 31 -6.30 -27.16 10.08
N TYR B 32 -5.32 -27.41 9.20
CA TYR B 32 -5.54 -28.14 7.98
C TYR B 32 -4.27 -28.82 7.51
N GLY B 33 -4.44 -29.79 6.62
CA GLY B 33 -3.30 -30.46 6.02
C GLY B 33 -3.14 -29.79 4.66
N MET B 34 -1.91 -29.48 4.27
CA MET B 34 -1.70 -28.84 2.98
C MET B 34 -1.43 -29.86 1.88
N ASN B 35 -2.38 -29.96 0.96
CA ASN B 35 -2.34 -30.87 -0.17
C ASN B 35 -1.98 -30.18 -1.50
N TRP B 36 -1.35 -30.95 -2.39
CA TRP B 36 -0.95 -30.47 -3.70
C TRP B 36 -1.62 -31.30 -4.80
N VAL B 37 -2.40 -30.65 -5.65
CA VAL B 37 -3.04 -31.38 -6.75
C VAL B 37 -2.67 -30.71 -8.08
N LYS B 38 -2.24 -31.53 -9.02
CA LYS B 38 -1.82 -31.07 -10.33
C LYS B 38 -2.96 -31.09 -11.34
N GLN B 39 -2.96 -30.09 -12.24
CA GLN B 39 -3.97 -30.02 -13.28
C GLN B 39 -3.33 -29.60 -14.58
N ALA B 40 -2.84 -30.59 -15.34
CA ALA B 40 -2.20 -30.34 -16.64
C ALA B 40 -3.21 -29.81 -17.67
N PRO B 41 -2.72 -29.03 -18.63
CA PRO B 41 -3.58 -28.46 -19.68
C PRO B 41 -4.63 -29.42 -20.24
N GLY B 42 -5.89 -29.05 -20.03
CA GLY B 42 -6.99 -29.86 -20.51
C GLY B 42 -6.97 -31.28 -19.97
N LYS B 43 -6.59 -31.41 -18.70
CA LYS B 43 -6.55 -32.72 -18.07
C LYS B 43 -7.17 -32.64 -16.69
N GLY B 44 -7.52 -33.80 -16.14
CA GLY B 44 -8.14 -33.84 -14.83
C GLY B 44 -7.19 -33.61 -13.67
N LEU B 45 -7.77 -33.36 -12.50
CA LEU B 45 -7.00 -33.14 -11.28
C LEU B 45 -6.31 -34.42 -10.85
N LYS B 46 -5.12 -34.28 -10.31
CA LYS B 46 -4.36 -35.42 -9.87
C LYS B 46 -3.73 -35.07 -8.52
N TRP B 47 -4.07 -35.84 -7.49
CA TRP B 47 -3.54 -35.61 -6.15
C TRP B 47 -2.06 -36.02 -6.11
N MET B 48 -1.21 -35.12 -5.61
CA MET B 48 0.22 -35.39 -5.52
C MET B 48 0.65 -35.80 -4.12
N GLY B 49 -0.22 -35.56 -3.15
CA GLY B 49 0.10 -35.89 -1.78
C GLY B 49 -0.12 -34.69 -0.91
N TRP B 50 0.45 -34.68 0.28
CA TRP B 50 0.28 -33.56 1.18
C TRP B 50 1.37 -33.46 2.23
N ILE B 51 1.37 -32.36 2.96
CA ILE B 51 2.33 -32.15 4.02
C ILE B 51 1.64 -31.75 5.33
N ASN B 52 2.08 -32.38 6.41
CA ASN B 52 1.59 -32.15 7.76
C ASN B 52 2.16 -30.80 8.23
N THR B 53 1.30 -29.83 8.52
CA THR B 53 1.75 -28.50 8.93
C THR B 53 2.02 -28.40 10.43
N TYR B 54 1.80 -29.50 11.14
CA TYR B 54 1.99 -29.57 12.59
C TYR B 54 3.31 -30.29 12.90
N THR B 55 3.55 -31.41 12.21
CA THR B 55 4.77 -32.22 12.39
C THR B 55 5.78 -31.99 11.28
N GLY B 56 5.31 -31.58 10.11
CA GLY B 56 6.17 -31.35 8.98
C GLY B 56 6.36 -32.56 8.09
N GLU B 57 5.63 -33.64 8.36
CA GLU B 57 5.76 -34.86 7.57
C GLU B 57 5.07 -34.84 6.23
N PRO B 58 5.84 -35.02 5.15
CA PRO B 58 5.29 -35.02 3.80
C PRO B 58 4.89 -36.44 3.41
N THR B 59 3.78 -36.56 2.71
CA THR B 59 3.29 -37.83 2.22
C THR B 59 3.13 -37.63 0.70
N TYR B 60 3.84 -38.45 -0.08
CA TYR B 60 3.81 -38.34 -1.52
C TYR B 60 2.99 -39.43 -2.16
N ALA B 61 2.23 -39.04 -3.18
CA ALA B 61 1.42 -39.98 -3.95
C ALA B 61 2.44 -40.81 -4.71
N ASP B 62 2.13 -42.07 -4.96
CA ASP B 62 3.08 -42.92 -5.64
C ASP B 62 3.47 -42.43 -7.04
N ASP B 63 2.53 -41.81 -7.75
CA ASP B 63 2.82 -41.28 -9.08
C ASP B 63 3.70 -40.04 -8.96
N PHE B 64 4.12 -39.71 -7.74
CA PHE B 64 4.96 -38.52 -7.53
C PHE B 64 6.15 -38.70 -6.60
N LYS B 65 6.84 -39.83 -6.73
CA LYS B 65 8.01 -40.11 -5.89
C LYS B 65 9.33 -39.95 -6.66
N GLY B 66 10.15 -38.99 -6.25
CA GLY B 66 11.42 -38.78 -6.91
C GLY B 66 11.86 -37.34 -7.09
N ARG B 67 11.14 -36.61 -7.93
CA ARG B 67 11.45 -35.22 -8.24
C ARG B 67 10.68 -34.20 -7.42
N PHE B 68 9.63 -34.65 -6.76
CA PHE B 68 8.82 -33.75 -5.95
C PHE B 68 9.20 -33.82 -4.49
N ALA B 69 9.15 -32.68 -3.82
CA ALA B 69 9.49 -32.57 -2.42
C ALA B 69 8.66 -31.49 -1.77
N PHE B 70 7.96 -31.84 -0.69
CA PHE B 70 7.15 -30.86 0.04
C PHE B 70 7.96 -30.40 1.27
N SER B 71 7.95 -29.11 1.54
CA SER B 71 8.68 -28.58 2.69
C SER B 71 7.85 -27.49 3.35
N LEU B 72 8.21 -27.12 4.56
CA LEU B 72 7.46 -26.08 5.28
C LEU B 72 8.33 -24.93 5.78
N GLU B 73 7.67 -23.81 6.05
CA GLU B 73 8.33 -22.63 6.58
C GLU B 73 7.42 -22.17 7.71
N THR B 74 7.52 -22.90 8.82
CA THR B 74 6.72 -22.66 10.00
C THR B 74 6.50 -21.21 10.43
N SER B 75 7.57 -20.46 10.66
CA SER B 75 7.43 -19.08 11.09
C SER B 75 6.63 -18.27 10.08
N ALA B 76 6.68 -18.71 8.82
CA ALA B 76 5.97 -18.01 7.76
C ALA B 76 4.66 -18.65 7.33
N SER B 77 4.22 -19.69 8.04
CA SER B 77 2.98 -20.37 7.70
C SER B 77 2.94 -20.62 6.20
N THR B 78 4.07 -21.09 5.68
CA THR B 78 4.24 -21.34 4.27
C THR B 78 4.62 -22.79 3.96
N ALA B 79 4.08 -23.30 2.86
CA ALA B 79 4.37 -24.64 2.41
C ALA B 79 5.06 -24.51 1.05
N TYR B 80 5.96 -25.42 0.73
CA TYR B 80 6.65 -25.38 -0.56
C TYR B 80 6.52 -26.66 -1.36
N LEU B 81 6.44 -26.49 -2.67
CA LEU B 81 6.35 -27.61 -3.60
C LEU B 81 7.52 -27.45 -4.54
N GLN B 82 8.42 -28.43 -4.56
CA GLN B 82 9.57 -28.37 -5.44
C GLN B 82 9.61 -29.52 -6.43
N ILE B 83 9.91 -29.18 -7.68
CA ILE B 83 10.04 -30.17 -8.74
C ILE B 83 11.41 -29.95 -9.35
N ASN B 84 12.25 -30.97 -9.35
CA ASN B 84 13.56 -30.84 -9.95
C ASN B 84 13.58 -31.69 -11.23
N ASN B 85 14.60 -31.50 -12.06
CA ASN B 85 14.70 -32.26 -13.31
C ASN B 85 13.37 -32.14 -14.07
N LEU B 86 12.94 -30.90 -14.22
CA LEU B 86 11.69 -30.55 -14.90
C LEU B 86 11.58 -31.11 -16.32
N LYS B 87 10.36 -31.35 -16.76
CA LYS B 87 10.11 -31.86 -18.12
C LYS B 87 8.77 -31.29 -18.60
N ASN B 88 8.49 -31.42 -19.88
CA ASN B 88 7.24 -30.89 -20.43
C ASN B 88 6.02 -31.37 -19.66
N GLU B 89 6.04 -32.65 -19.30
CA GLU B 89 4.97 -33.30 -18.57
C GLU B 89 4.56 -32.54 -17.30
N ASP B 90 5.46 -31.72 -16.78
CA ASP B 90 5.17 -30.97 -15.58
C ASP B 90 4.38 -29.70 -15.86
N THR B 91 4.20 -29.37 -17.13
CA THR B 91 3.45 -28.17 -17.47
C THR B 91 2.04 -28.36 -16.96
N ALA B 92 1.67 -27.56 -15.97
CA ALA B 92 0.35 -27.66 -15.37
C ALA B 92 0.14 -26.57 -14.34
N THR B 93 -1.03 -26.57 -13.72
CA THR B 93 -1.33 -25.61 -12.69
C THR B 93 -1.28 -26.44 -11.42
N TYR B 94 -0.54 -25.96 -10.45
CA TYR B 94 -0.40 -26.64 -9.17
C TYR B 94 -1.20 -25.92 -8.10
N PHE B 95 -2.19 -26.63 -7.58
CA PHE B 95 -3.08 -26.12 -6.54
C PHE B 95 -2.62 -26.49 -5.14
N CYS B 96 -2.70 -25.53 -4.23
CA CYS B 96 -2.37 -25.71 -2.82
C CYS B 96 -3.76 -25.83 -2.20
N VAL B 97 -4.02 -26.92 -1.50
CA VAL B 97 -5.35 -27.11 -0.92
C VAL B 97 -5.33 -27.47 0.56
N GLN B 98 -6.19 -26.83 1.32
CA GLN B 98 -6.28 -27.11 2.75
C GLN B 98 -7.40 -28.14 2.93
N ALA B 99 -7.09 -29.23 3.63
CA ALA B 99 -8.09 -30.28 3.86
C ALA B 99 -8.27 -30.59 5.34
N GLU B 100 -9.49 -30.95 5.71
CA GLU B 100 -9.82 -31.26 7.09
C GLU B 100 -9.77 -32.77 7.33
N ARG B 101 -9.14 -33.15 8.43
CA ARG B 101 -8.97 -34.54 8.82
C ARG B 101 -10.24 -35.38 8.92
N LEU B 102 -11.13 -35.05 9.85
CA LEU B 102 -12.36 -35.82 10.03
C LEU B 102 -13.28 -36.03 8.82
N ARG B 103 -13.51 -34.98 8.02
CA ARG B 103 -14.38 -35.14 6.86
C ARG B 103 -13.62 -35.58 5.62
N ARG B 104 -12.30 -35.36 5.63
CA ARG B 104 -11.42 -35.71 4.52
C ARG B 104 -11.85 -34.90 3.31
N THR B 105 -12.11 -33.62 3.53
CA THR B 105 -12.55 -32.73 2.47
C THR B 105 -11.45 -31.77 2.08
N PHE B 106 -11.49 -31.32 0.84
CA PHE B 106 -10.53 -30.35 0.38
C PHE B 106 -11.35 -29.08 0.55
N ASP B 107 -11.27 -28.55 1.77
CA ASP B 107 -12.00 -27.36 2.19
C ASP B 107 -11.77 -26.07 1.43
N TYR B 108 -10.50 -25.70 1.25
CA TYR B 108 -10.17 -24.46 0.60
C TYR B 108 -9.08 -24.65 -0.43
N TRP B 109 -9.38 -24.27 -1.68
CA TRP B 109 -8.42 -24.36 -2.78
C TRP B 109 -7.81 -23.01 -3.07
N GLY B 110 -6.50 -22.97 -3.28
CA GLY B 110 -5.83 -21.72 -3.59
C GLY B 110 -6.02 -21.39 -5.06
N ALA B 111 -5.56 -20.20 -5.46
CA ALA B 111 -5.67 -19.74 -6.85
C ALA B 111 -4.95 -20.64 -7.86
N GLY B 112 -3.91 -21.33 -7.42
CA GLY B 112 -3.17 -22.21 -8.31
C GLY B 112 -2.01 -21.47 -8.95
N THR B 113 -0.86 -22.14 -9.06
CA THR B 113 0.33 -21.54 -9.65
C THR B 113 0.71 -22.29 -10.91
N THR B 114 0.73 -21.60 -12.04
CA THR B 114 1.06 -22.26 -13.29
C THR B 114 2.55 -22.42 -13.49
N VAL B 115 2.92 -23.55 -14.10
CA VAL B 115 4.31 -23.86 -14.38
C VAL B 115 4.43 -24.32 -15.82
N THR B 116 5.16 -23.56 -16.62
CA THR B 116 5.36 -23.87 -18.04
C THR B 116 6.80 -24.30 -18.27
N VAL B 117 6.98 -25.50 -18.82
CA VAL B 117 8.31 -26.05 -19.09
C VAL B 117 8.54 -26.01 -20.60
N SER B 118 9.35 -25.07 -21.04
CA SER B 118 9.67 -24.92 -22.45
C SER B 118 11.03 -24.27 -22.66
N SER B 119 11.72 -24.72 -23.71
CA SER B 119 13.04 -24.17 -24.02
C SER B 119 12.90 -22.98 -24.95
N ALA B 120 11.70 -22.42 -24.99
CA ALA B 120 11.42 -21.25 -25.81
C ALA B 120 11.65 -20.07 -24.89
N SER B 121 11.60 -18.87 -25.44
CA SER B 121 11.81 -17.68 -24.63
C SER B 121 10.55 -16.81 -24.61
N THR B 122 10.54 -15.86 -23.69
CA THR B 122 9.42 -14.94 -23.56
C THR B 122 9.38 -14.00 -24.76
N LYS B 123 8.19 -13.75 -25.27
CA LYS B 123 8.03 -12.87 -26.41
C LYS B 123 6.88 -11.94 -26.16
N GLY B 124 7.16 -10.65 -26.10
CA GLY B 124 6.12 -9.66 -25.89
C GLY B 124 5.19 -9.68 -27.09
N PRO B 125 3.94 -9.24 -26.92
CA PRO B 125 2.96 -9.22 -28.01
C PRO B 125 2.93 -7.89 -28.75
N SER B 126 2.28 -7.90 -29.92
CA SER B 126 2.13 -6.70 -30.71
C SER B 126 0.63 -6.43 -30.66
N VAL B 127 0.25 -5.17 -30.48
CA VAL B 127 -1.18 -4.84 -30.41
C VAL B 127 -1.65 -4.03 -31.62
N PHE B 128 -2.40 -4.70 -32.48
CA PHE B 128 -2.93 -4.07 -33.68
C PHE B 128 -4.39 -3.70 -33.43
N PRO B 129 -4.83 -2.56 -33.99
CA PRO B 129 -6.22 -2.16 -33.78
C PRO B 129 -7.21 -2.92 -34.64
N LEU B 130 -8.44 -3.02 -34.14
CA LEU B 130 -9.52 -3.68 -34.87
C LEU B 130 -10.52 -2.55 -35.11
N ALA B 131 -10.22 -1.74 -36.12
CA ALA B 131 -11.01 -0.59 -36.51
C ALA B 131 -12.51 -0.86 -36.62
N PRO B 132 -13.33 -0.01 -35.96
CA PRO B 132 -14.80 -0.11 -35.95
C PRO B 132 -15.42 0.29 -37.29
N SER B 133 -15.34 -0.61 -38.26
CA SER B 133 -15.89 -0.37 -39.59
C SER B 133 -15.17 0.82 -40.25
N SER B 134 -14.43 0.53 -41.32
CA SER B 134 -13.66 1.53 -42.07
C SER B 134 -14.51 2.48 -42.92
N LYS B 135 -15.76 2.11 -43.16
CA LYS B 135 -16.67 2.93 -43.95
C LYS B 135 -18.07 2.97 -43.32
N SER B 136 -18.26 2.22 -42.23
CA SER B 136 -19.53 2.17 -41.52
C SER B 136 -19.37 2.77 -40.12
N THR B 137 -19.51 4.08 -40.03
CA THR B 137 -19.37 4.81 -38.77
C THR B 137 -20.71 5.15 -38.11
N SER B 138 -21.79 4.53 -38.59
CA SER B 138 -23.13 4.78 -38.06
C SER B 138 -24.00 3.51 -38.10
N GLY B 139 -24.77 3.28 -37.04
CA GLY B 139 -25.63 2.10 -36.99
C GLY B 139 -25.78 1.43 -35.63
N GLY B 140 -26.47 2.10 -34.70
CA GLY B 140 -26.68 1.54 -33.37
C GLY B 140 -25.39 1.26 -32.62
N THR B 141 -24.96 0.00 -32.65
CA THR B 141 -23.72 -0.42 -31.99
C THR B 141 -22.74 -0.85 -33.08
N ALA B 142 -21.46 -0.56 -32.88
CA ALA B 142 -20.45 -0.89 -33.87
C ALA B 142 -19.46 -1.98 -33.48
N ALA B 143 -18.51 -2.23 -34.37
CA ALA B 143 -17.47 -3.23 -34.18
C ALA B 143 -16.59 -2.90 -32.96
N LEU B 144 -15.33 -2.56 -33.20
CA LEU B 144 -14.37 -2.18 -32.16
C LEU B 144 -13.69 -3.33 -31.40
N GLY B 145 -12.38 -3.47 -31.59
CA GLY B 145 -11.65 -4.54 -30.93
C GLY B 145 -10.15 -4.30 -30.86
N CYS B 146 -9.42 -5.30 -30.38
CA CYS B 146 -7.96 -5.21 -30.27
C CYS B 146 -7.35 -6.58 -30.49
N LEU B 147 -6.40 -6.68 -31.42
CA LEU B 147 -5.74 -7.96 -31.70
C LEU B 147 -4.32 -8.02 -31.18
N VAL B 148 -4.11 -8.81 -30.13
CA VAL B 148 -2.78 -8.98 -29.52
C VAL B 148 -2.24 -10.36 -29.94
N LYS B 149 -1.14 -10.38 -30.68
CA LYS B 149 -0.60 -11.66 -31.14
C LYS B 149 0.90 -11.89 -31.09
N ASP B 150 1.24 -13.16 -31.30
CA ASP B 150 2.62 -13.62 -31.32
C ASP B 150 3.36 -13.31 -30.04
N TYR B 151 2.92 -13.93 -28.94
CA TYR B 151 3.57 -13.76 -27.64
C TYR B 151 3.74 -15.13 -26.97
N PHE B 152 4.52 -15.13 -25.91
CA PHE B 152 4.77 -16.36 -25.17
C PHE B 152 5.57 -16.10 -23.88
N PRO B 153 5.15 -16.74 -22.78
CA PRO B 153 4.00 -17.65 -22.81
C PRO B 153 2.75 -16.90 -22.37
N GLU B 154 1.73 -17.67 -22.00
CA GLU B 154 0.49 -17.09 -21.52
C GLU B 154 0.73 -16.61 -20.08
N PRO B 155 -0.12 -15.69 -19.60
CA PRO B 155 -1.26 -15.09 -20.27
C PRO B 155 -1.04 -13.61 -20.49
N VAL B 156 -2.03 -12.99 -21.11
CA VAL B 156 -2.00 -11.57 -21.36
C VAL B 156 -3.31 -11.04 -20.74
N THR B 157 -3.28 -9.82 -20.19
CA THR B 157 -4.48 -9.27 -19.61
C THR B 157 -4.93 -8.09 -20.46
N VAL B 158 -6.22 -8.01 -20.71
CA VAL B 158 -6.73 -6.93 -21.54
C VAL B 158 -7.97 -6.26 -20.95
N SER B 159 -7.84 -4.96 -20.69
CA SER B 159 -8.92 -4.15 -20.15
C SER B 159 -9.11 -2.98 -21.10
N TRP B 160 -10.30 -2.39 -21.08
CA TRP B 160 -10.57 -1.26 -21.95
C TRP B 160 -10.73 0.06 -21.22
N ASN B 161 -9.91 1.04 -21.62
CA ASN B 161 -9.92 2.37 -21.03
C ASN B 161 -9.59 2.30 -19.54
N SER B 162 -8.56 1.53 -19.24
CA SER B 162 -8.09 1.37 -17.87
C SER B 162 -9.14 0.84 -16.89
N GLY B 163 -9.98 -0.07 -17.36
CA GLY B 163 -10.99 -0.62 -16.48
C GLY B 163 -12.30 0.14 -16.54
N ALA B 164 -12.29 1.23 -17.30
CA ALA B 164 -13.48 2.06 -17.43
C ALA B 164 -14.55 1.28 -18.19
N LEU B 165 -14.13 0.52 -19.19
CA LEU B 165 -15.05 -0.27 -20.00
C LEU B 165 -15.16 -1.71 -19.52
N THR B 166 -16.39 -2.13 -19.25
CA THR B 166 -16.65 -3.47 -18.77
C THR B 166 -17.89 -4.00 -19.51
N SER B 167 -18.65 -3.08 -20.06
CA SER B 167 -19.86 -3.42 -20.81
C SER B 167 -19.55 -3.84 -22.24
N GLY B 168 -20.18 -4.93 -22.69
CA GLY B 168 -19.97 -5.42 -24.04
C GLY B 168 -18.60 -6.05 -24.29
N VAL B 169 -17.62 -5.71 -23.45
CA VAL B 169 -16.28 -6.24 -23.58
C VAL B 169 -16.25 -7.75 -23.57
N HIS B 170 -15.57 -8.33 -24.55
CA HIS B 170 -15.47 -9.79 -24.69
C HIS B 170 -14.08 -10.22 -25.10
N THR B 171 -13.27 -10.60 -24.11
CA THR B 171 -11.91 -11.05 -24.37
C THR B 171 -11.95 -12.55 -24.65
N PHE B 172 -11.31 -12.96 -25.75
CA PHE B 172 -11.31 -14.37 -26.15
C PHE B 172 -10.14 -15.21 -25.68
N PRO B 173 -10.36 -16.54 -25.60
CA PRO B 173 -9.31 -17.48 -25.17
C PRO B 173 -8.16 -17.42 -26.16
N ALA B 174 -6.93 -17.42 -25.66
CA ALA B 174 -5.78 -17.39 -26.55
C ALA B 174 -5.85 -18.61 -27.43
N VAL B 175 -5.17 -18.53 -28.56
CA VAL B 175 -5.14 -19.62 -29.49
C VAL B 175 -3.66 -19.79 -29.82
N LEU B 176 -3.18 -21.03 -29.83
CA LEU B 176 -1.77 -21.28 -30.12
C LEU B 176 -1.55 -21.46 -31.63
N GLN B 177 -0.79 -20.54 -32.21
CA GLN B 177 -0.47 -20.55 -33.63
C GLN B 177 0.60 -21.59 -33.94
N SER B 178 0.74 -21.95 -35.22
CA SER B 178 1.73 -22.94 -35.65
C SER B 178 3.14 -22.49 -35.27
N SER B 179 3.31 -21.20 -35.10
CA SER B 179 4.61 -20.64 -34.74
C SER B 179 4.99 -21.01 -33.32
N GLY B 180 4.01 -21.41 -32.52
CA GLY B 180 4.31 -21.75 -31.14
C GLY B 180 4.08 -20.55 -30.25
N LEU B 181 3.62 -19.47 -30.88
CA LEU B 181 3.31 -18.21 -30.19
C LEU B 181 1.79 -18.16 -29.96
N TYR B 182 1.36 -17.38 -28.98
CA TYR B 182 -0.06 -17.27 -28.70
C TYR B 182 -0.68 -16.07 -29.39
N SER B 183 -2.00 -16.10 -29.52
CA SER B 183 -2.71 -15.02 -30.16
C SER B 183 -4.12 -14.98 -29.58
N LEU B 184 -4.67 -13.78 -29.38
CA LEU B 184 -6.03 -13.62 -28.88
C LEU B 184 -6.58 -12.26 -29.24
N SER B 185 -7.89 -12.10 -29.12
CA SER B 185 -8.55 -10.85 -29.45
C SER B 185 -9.53 -10.42 -28.37
N SER B 186 -9.66 -9.11 -28.21
CA SER B 186 -10.58 -8.54 -27.24
C SER B 186 -11.45 -7.52 -27.95
N VAL B 187 -12.74 -7.82 -28.10
CA VAL B 187 -13.66 -6.91 -28.76
C VAL B 187 -14.65 -6.28 -27.79
N VAL B 188 -15.10 -5.08 -28.12
CA VAL B 188 -16.05 -4.37 -27.29
C VAL B 188 -17.21 -3.88 -28.13
N THR B 189 -18.43 -4.09 -27.65
CA THR B 189 -19.61 -3.62 -28.37
C THR B 189 -19.91 -2.22 -27.83
N VAL B 190 -19.99 -1.26 -28.73
CA VAL B 190 -20.27 0.12 -28.35
C VAL B 190 -21.24 0.74 -29.35
N PRO B 191 -21.91 1.85 -28.98
CA PRO B 191 -22.87 2.55 -29.85
C PRO B 191 -22.19 3.48 -30.88
N SER B 192 -22.50 3.26 -32.15
CA SER B 192 -21.93 4.04 -33.25
C SER B 192 -21.88 5.55 -33.00
N SER B 193 -22.70 6.02 -32.07
CA SER B 193 -22.74 7.44 -31.75
C SER B 193 -21.56 7.80 -30.86
N SER B 194 -21.04 6.81 -30.15
CA SER B 194 -19.90 7.02 -29.26
C SER B 194 -18.63 7.22 -30.08
N LEU B 195 -18.64 6.72 -31.32
CA LEU B 195 -17.50 6.85 -32.21
C LEU B 195 -17.30 8.33 -32.53
N GLY B 196 -16.16 8.87 -32.12
CA GLY B 196 -15.86 10.26 -32.35
C GLY B 196 -15.80 10.99 -31.03
N THR B 197 -16.91 10.97 -30.29
CA THR B 197 -16.97 11.62 -28.99
C THR B 197 -16.10 10.85 -28.00
N GLN B 198 -16.43 9.57 -27.82
CA GLN B 198 -15.71 8.71 -26.88
C GLN B 198 -14.45 8.04 -27.43
N THR B 199 -13.37 8.20 -26.67
CA THR B 199 -12.08 7.62 -27.01
C THR B 199 -12.08 6.16 -26.55
N TYR B 200 -11.39 5.30 -27.29
CA TYR B 200 -11.31 3.89 -26.95
C TYR B 200 -9.88 3.36 -27.08
N ILE B 201 -9.31 2.95 -25.94
CA ILE B 201 -7.96 2.41 -25.91
C ILE B 201 -7.91 1.14 -25.08
N CYS B 202 -7.44 0.06 -25.69
CA CYS B 202 -7.32 -1.21 -24.99
C CYS B 202 -5.93 -1.30 -24.38
N ASN B 203 -5.86 -1.61 -23.09
CA ASN B 203 -4.59 -1.70 -22.39
C ASN B 203 -4.20 -3.17 -22.17
N VAL B 204 -3.11 -3.58 -22.84
CA VAL B 204 -2.62 -4.94 -22.76
C VAL B 204 -1.43 -5.10 -21.81
N ASN B 205 -1.25 -6.30 -21.28
CA ASN B 205 -0.14 -6.57 -20.38
C ASN B 205 0.31 -8.02 -20.50
N HIS B 206 1.62 -8.20 -20.58
CA HIS B 206 2.24 -9.51 -20.67
C HIS B 206 3.35 -9.46 -19.62
N LYS B 207 3.02 -9.83 -18.39
CA LYS B 207 3.98 -9.81 -17.31
C LYS B 207 5.23 -10.67 -17.56
N PRO B 208 5.10 -11.81 -18.27
CA PRO B 208 6.30 -12.62 -18.49
C PRO B 208 7.41 -11.89 -19.26
N SER B 209 7.07 -10.76 -19.85
CA SER B 209 8.05 -9.98 -20.61
C SER B 209 8.01 -8.50 -20.23
N ASN B 210 7.25 -8.18 -19.20
CA ASN B 210 7.11 -6.81 -18.72
C ASN B 210 6.51 -5.87 -19.77
N THR B 211 5.87 -6.44 -20.79
CA THR B 211 5.25 -5.64 -21.83
C THR B 211 3.96 -5.04 -21.28
N LYS B 212 3.74 -3.76 -21.57
CA LYS B 212 2.54 -3.06 -21.12
C LYS B 212 2.21 -1.96 -22.12
N VAL B 213 1.44 -2.31 -23.14
CA VAL B 213 1.07 -1.35 -24.18
C VAL B 213 -0.40 -0.93 -24.16
N ASP B 214 -0.69 0.15 -24.88
CA ASP B 214 -2.05 0.68 -25.00
C ASP B 214 -2.23 1.07 -26.46
N LYS B 215 -3.39 0.80 -27.03
CA LYS B 215 -3.61 1.13 -28.43
C LYS B 215 -4.95 1.79 -28.71
N LYS B 216 -4.89 2.97 -29.30
CA LYS B 216 -6.09 3.71 -29.67
C LYS B 216 -6.66 3.06 -30.91
N VAL B 217 -7.96 2.84 -30.92
CA VAL B 217 -8.63 2.22 -32.05
C VAL B 217 -9.35 3.25 -32.92
N GLU C 1 16.53 -5.71 25.65
CA GLU C 1 16.12 -5.43 27.06
C GLU C 1 14.60 -5.52 27.21
N LEU C 2 14.04 -4.73 28.13
CA LEU C 2 12.60 -4.71 28.35
C LEU C 2 12.01 -3.63 27.43
N VAL C 3 11.15 -4.06 26.50
CA VAL C 3 10.53 -3.11 25.58
C VAL C 3 9.15 -2.67 26.05
N MET C 4 8.91 -1.36 25.97
CA MET C 4 7.64 -0.77 26.34
C MET C 4 6.95 -0.44 25.00
N THR C 5 5.75 -0.96 24.80
CA THR C 5 5.04 -0.72 23.56
C THR C 5 3.75 0.06 23.78
N GLN C 6 3.71 1.27 23.25
CA GLN C 6 2.54 2.14 23.39
C GLN C 6 1.60 1.93 22.20
N THR C 7 0.35 1.57 22.49
CA THR C 7 -0.63 1.30 21.45
C THR C 7 -0.79 2.38 20.40
N PRO C 8 -1.52 3.47 20.71
CA PRO C 8 -1.63 4.47 19.65
C PRO C 8 -0.42 5.39 19.65
N LEU C 9 0.23 5.53 18.50
CA LEU C 9 1.39 6.40 18.41
C LEU C 9 0.91 7.81 18.05
N SER C 10 -0.27 7.88 17.46
CA SER C 10 -0.89 9.13 17.08
C SER C 10 -2.30 9.01 17.62
N LEU C 11 -2.76 10.00 18.38
CA LEU C 11 -4.08 9.94 18.98
C LEU C 11 -4.94 11.19 18.81
N PRO C 12 -5.74 11.24 17.73
CA PRO C 12 -6.61 12.38 17.46
C PRO C 12 -7.88 12.26 18.31
N VAL C 13 -8.19 13.30 19.06
CA VAL C 13 -9.35 13.29 19.93
C VAL C 13 -10.01 14.66 19.99
N SER C 14 -11.34 14.68 20.07
CA SER C 14 -12.09 15.91 20.14
C SER C 14 -11.97 16.54 21.53
N LEU C 15 -12.01 17.85 21.61
CA LEU C 15 -11.91 18.51 22.90
C LEU C 15 -13.14 18.07 23.70
N GLY C 16 -12.95 17.78 24.97
CA GLY C 16 -14.07 17.35 25.80
C GLY C 16 -14.27 15.85 25.83
N ASP C 17 -13.70 15.14 24.86
CA ASP C 17 -13.83 13.69 24.79
C ASP C 17 -12.74 13.01 25.62
N GLN C 18 -12.86 11.70 25.79
CA GLN C 18 -11.88 10.93 26.56
C GLN C 18 -10.83 10.38 25.62
N ALA C 19 -9.64 10.14 26.16
CA ALA C 19 -8.54 9.60 25.38
C ALA C 19 -7.87 8.53 26.21
N SER C 20 -7.54 7.41 25.60
CA SER C 20 -6.89 6.33 26.32
C SER C 20 -5.63 5.90 25.60
N ILE C 21 -4.53 5.84 26.33
CA ILE C 21 -3.25 5.40 25.79
C ILE C 21 -2.88 4.11 26.51
N SER C 22 -2.58 3.08 25.74
CA SER C 22 -2.23 1.80 26.35
C SER C 22 -0.73 1.52 26.21
N CYS C 23 -0.13 0.99 27.28
CA CYS C 23 1.29 0.65 27.29
C CYS C 23 1.43 -0.82 27.71
N ARG C 24 2.20 -1.58 26.94
CA ARG C 24 2.41 -2.99 27.22
C ARG C 24 3.91 -3.31 27.24
N SER C 25 4.34 -4.13 28.20
CA SER C 25 5.76 -4.50 28.31
C SER C 25 6.03 -5.99 28.16
N SER C 26 7.28 -6.34 27.84
CA SER C 26 7.67 -7.74 27.65
C SER C 26 7.83 -8.48 28.97
N GLN C 27 8.01 -7.73 30.05
CA GLN C 27 8.16 -8.31 31.38
C GLN C 27 7.17 -7.67 32.34
N SER C 28 6.69 -8.44 33.30
CA SER C 28 5.77 -7.92 34.29
C SER C 28 6.51 -6.81 35.01
N LEU C 29 5.80 -5.74 35.34
CA LEU C 29 6.44 -4.62 36.01
C LEU C 29 6.24 -4.74 37.50
N LEU C 30 5.54 -5.79 37.91
CA LEU C 30 5.30 -6.02 39.34
C LEU C 30 6.63 -6.41 39.97
N HIS C 31 7.07 -5.65 40.96
CA HIS C 31 8.33 -5.89 41.62
C HIS C 31 8.17 -6.94 42.72
N SER C 32 9.26 -7.63 43.03
CA SER C 32 9.24 -8.65 44.07
C SER C 32 8.88 -7.99 45.40
N ASN C 33 9.10 -6.67 45.48
CA ASN C 33 8.76 -5.95 46.68
C ASN C 33 7.31 -5.48 46.62
N GLY C 34 6.52 -6.10 45.75
CA GLY C 34 5.11 -5.76 45.64
C GLY C 34 4.74 -4.50 44.85
N ASN C 35 5.70 -3.63 44.57
CA ASN C 35 5.39 -2.42 43.80
C ASN C 35 5.47 -2.61 42.29
N THR C 36 4.70 -1.80 41.56
CA THR C 36 4.70 -1.81 40.11
C THR C 36 5.14 -0.40 39.68
N TYR C 37 6.43 -0.27 39.34
CA TYR C 37 7.00 1.00 38.92
C TYR C 37 6.76 1.31 37.46
N LEU C 38 5.51 1.66 37.15
CA LEU C 38 5.09 2.01 35.81
C LEU C 38 4.60 3.46 35.90
N HIS C 39 5.30 4.38 35.24
CA HIS C 39 4.93 5.78 35.29
C HIS C 39 4.50 6.33 33.94
N TRP C 40 3.95 7.54 33.97
CA TRP C 40 3.48 8.23 32.77
C TRP C 40 3.97 9.66 32.79
N TYR C 41 4.52 10.11 31.67
CA TYR C 41 5.02 11.47 31.56
C TYR C 41 4.41 12.13 30.34
N LEU C 42 4.39 13.46 30.34
CA LEU C 42 3.88 14.20 29.20
C LEU C 42 4.94 15.23 28.83
N GLN C 43 5.38 15.22 27.58
CA GLN C 43 6.34 16.23 27.12
C GLN C 43 5.57 17.20 26.23
N LYS C 44 5.41 18.43 26.71
CA LYS C 44 4.69 19.43 25.94
C LYS C 44 5.68 19.95 24.90
N PRO C 45 5.18 20.51 23.77
CA PRO C 45 6.03 21.04 22.70
C PRO C 45 7.13 22.00 23.17
N GLY C 46 8.36 21.72 22.74
CA GLY C 46 9.49 22.56 23.12
C GLY C 46 9.61 22.67 24.63
N GLN C 47 9.43 21.54 25.30
CA GLN C 47 9.51 21.51 26.76
C GLN C 47 10.07 20.18 27.25
N SER C 48 10.47 20.15 28.52
CA SER C 48 10.98 18.93 29.13
C SER C 48 9.80 18.11 29.64
N PRO C 49 9.97 16.79 29.73
CA PRO C 49 8.86 15.95 30.20
C PRO C 49 8.49 16.27 31.65
N LYS C 50 7.22 16.06 32.00
CA LYS C 50 6.72 16.26 33.35
C LYS C 50 6.00 14.98 33.78
N LEU C 51 6.18 14.59 35.04
CA LEU C 51 5.56 13.38 35.61
C LEU C 51 4.07 13.59 35.83
N LEU C 52 3.25 12.66 35.34
CA LEU C 52 1.79 12.75 35.48
C LEU C 52 1.22 11.72 36.48
N ILE C 53 1.56 10.46 36.24
CA ILE C 53 1.11 9.36 37.07
C ILE C 53 2.30 8.51 37.44
N TYR C 54 2.34 8.06 38.70
CA TYR C 54 3.42 7.21 39.13
C TYR C 54 2.87 5.95 39.80
N LYS C 55 3.65 4.87 39.75
CA LYS C 55 3.28 3.58 40.31
C LYS C 55 1.90 3.18 39.85
N VAL C 56 1.73 3.17 38.53
CA VAL C 56 0.48 2.79 37.87
C VAL C 56 -0.68 3.76 37.91
N SER C 57 -1.05 4.24 39.10
CA SER C 57 -2.21 5.12 39.19
C SER C 57 -2.17 6.36 40.09
N ASN C 58 -1.03 6.65 40.72
CA ASN C 58 -0.95 7.83 41.59
C ASN C 58 -0.64 9.11 40.86
N ARG C 59 -1.39 10.16 41.16
CA ARG C 59 -1.19 11.45 40.51
C ARG C 59 -0.12 12.25 41.22
N PHE C 60 0.85 12.71 40.45
CA PHE C 60 1.91 13.50 41.01
C PHE C 60 1.29 14.86 41.35
N SER C 61 2.00 15.64 42.15
CA SER C 61 1.52 16.95 42.56
C SER C 61 1.37 17.91 41.39
N GLY C 62 0.23 18.59 41.35
CA GLY C 62 -0.03 19.55 40.29
C GLY C 62 -0.74 18.95 39.09
N VAL C 63 -0.89 17.64 39.10
CA VAL C 63 -1.55 16.96 37.99
C VAL C 63 -3.05 16.93 38.24
N PRO C 64 -3.84 17.41 37.27
CA PRO C 64 -5.31 17.45 37.34
C PRO C 64 -5.93 16.07 37.53
N ASP C 65 -7.16 16.05 38.03
CA ASP C 65 -7.87 14.81 38.29
C ASP C 65 -8.44 14.18 37.02
N ARG C 66 -8.29 14.85 35.89
CA ARG C 66 -8.78 14.33 34.63
C ARG C 66 -7.86 13.19 34.19
N PHE C 67 -6.68 13.14 34.80
CA PHE C 67 -5.68 12.14 34.50
C PHE C 67 -5.70 10.96 35.44
N SER C 68 -5.96 9.79 34.88
CA SER C 68 -6.00 8.56 35.66
C SER C 68 -5.27 7.39 34.96
N GLY C 69 -4.66 6.53 35.74
CA GLY C 69 -3.96 5.40 35.17
C GLY C 69 -4.41 4.09 35.80
N SER C 70 -4.30 3.01 35.04
CA SER C 70 -4.70 1.70 35.53
C SER C 70 -3.78 0.65 34.93
N GLY C 71 -4.05 -0.61 35.25
CA GLY C 71 -3.24 -1.68 34.73
C GLY C 71 -2.61 -2.47 35.86
N SER C 72 -1.76 -3.42 35.49
CA SER C 72 -1.06 -4.28 36.44
C SER C 72 -0.29 -5.33 35.66
N GLY C 73 0.89 -5.71 36.15
CA GLY C 73 1.67 -6.71 35.47
C GLY C 73 2.35 -6.25 34.18
N THR C 74 1.73 -6.51 33.03
CA THR C 74 2.33 -6.11 31.76
C THR C 74 1.44 -5.24 30.89
N ASP C 75 0.23 -4.94 31.35
CA ASP C 75 -0.68 -4.11 30.56
C ASP C 75 -1.14 -2.91 31.36
N PHE C 76 -1.00 -1.72 30.78
CA PHE C 76 -1.39 -0.52 31.48
C PHE C 76 -2.13 0.45 30.60
N THR C 77 -2.91 1.34 31.22
CA THR C 77 -3.68 2.30 30.47
C THR C 77 -3.79 3.64 31.15
N LEU C 78 -3.53 4.69 30.36
CA LEU C 78 -3.65 6.05 30.86
C LEU C 78 -4.93 6.57 30.24
N LYS C 79 -5.76 7.22 31.05
CA LYS C 79 -7.02 7.77 30.58
C LYS C 79 -7.02 9.26 30.85
N ILE C 80 -7.42 10.04 29.85
CA ILE C 80 -7.50 11.49 29.99
C ILE C 80 -8.97 11.82 29.83
N SER C 81 -9.58 12.39 30.86
CA SER C 81 -10.99 12.74 30.79
C SER C 81 -11.19 14.17 30.35
N ARG C 82 -12.11 14.37 29.41
CA ARG C 82 -12.39 15.70 28.89
C ARG C 82 -11.09 16.37 28.48
N VAL C 83 -10.61 16.07 27.28
CA VAL C 83 -9.36 16.65 26.75
C VAL C 83 -9.46 18.16 26.68
N GLU C 84 -8.38 18.85 27.05
CA GLU C 84 -8.41 20.32 27.10
C GLU C 84 -7.39 21.17 26.36
N ALA C 85 -6.84 20.69 25.26
CA ALA C 85 -5.87 21.51 24.52
C ALA C 85 -4.53 21.70 25.22
N GLU C 86 -4.55 21.93 26.53
CA GLU C 86 -3.29 22.06 27.24
C GLU C 86 -2.75 20.63 27.41
N ASP C 87 -3.49 19.67 26.88
CA ASP C 87 -3.10 18.27 26.94
C ASP C 87 -2.26 17.89 25.71
N LEU C 88 -2.08 18.83 24.80
CA LEU C 88 -1.30 18.58 23.60
C LEU C 88 0.14 18.28 23.99
N GLY C 89 0.73 17.29 23.30
CA GLY C 89 2.10 16.92 23.60
C GLY C 89 2.27 15.45 23.36
N VAL C 90 3.38 14.90 23.87
CA VAL C 90 3.66 13.48 23.71
C VAL C 90 3.71 12.78 25.06
N TYR C 91 2.88 11.75 25.17
CA TYR C 91 2.77 10.97 26.39
C TYR C 91 3.58 9.70 26.29
N PHE C 92 4.37 9.41 27.30
CA PHE C 92 5.09 8.16 27.28
C PHE C 92 5.13 7.45 28.62
N CYS C 93 5.04 6.13 28.58
CA CYS C 93 5.10 5.35 29.78
C CYS C 93 6.58 5.11 30.03
N SER C 94 6.89 4.78 31.27
CA SER C 94 8.27 4.52 31.66
C SER C 94 8.22 3.44 32.73
N GLN C 95 9.14 2.50 32.64
CA GLN C 95 9.22 1.40 33.60
C GLN C 95 10.50 1.57 34.41
N VAL C 96 10.40 1.39 35.72
CA VAL C 96 11.57 1.50 36.59
C VAL C 96 11.62 0.34 37.56
N THR C 97 10.92 -0.73 37.21
CA THR C 97 10.85 -1.95 37.99
C THR C 97 12.13 -2.75 37.81
N HIS C 98 12.67 -2.76 36.59
CA HIS C 98 13.86 -3.52 36.29
C HIS C 98 15.09 -2.74 35.80
N VAL C 99 16.25 -3.33 36.09
CA VAL C 99 17.60 -2.84 35.76
C VAL C 99 17.68 -1.43 35.19
N PRO C 100 17.75 -1.25 33.85
CA PRO C 100 17.83 0.16 33.44
C PRO C 100 16.40 0.65 33.16
N PRO C 101 16.06 1.84 33.67
CA PRO C 101 14.68 2.28 33.38
C PRO C 101 14.49 2.40 31.87
N THR C 102 13.26 2.28 31.40
CA THR C 102 13.01 2.39 29.97
C THR C 102 11.71 3.08 29.61
N PHE C 103 11.68 3.70 28.42
CA PHE C 103 10.52 4.45 27.93
C PHE C 103 9.82 3.91 26.69
N GLY C 104 8.52 4.20 26.61
CA GLY C 104 7.76 3.80 25.44
C GLY C 104 8.08 4.79 24.33
N GLY C 105 7.57 4.53 23.12
CA GLY C 105 7.85 5.40 22.00
C GLY C 105 7.22 6.78 22.07
N GLY C 106 6.12 6.90 22.79
CA GLY C 106 5.45 8.17 22.92
C GLY C 106 4.20 8.24 22.06
N THR C 107 3.16 8.87 22.59
CA THR C 107 1.90 9.02 21.90
C THR C 107 1.58 10.49 21.77
N LYS C 108 1.49 10.97 20.53
CA LYS C 108 1.21 12.36 20.29
C LYS C 108 -0.29 12.62 20.23
N LEU C 109 -0.77 13.45 21.14
CA LEU C 109 -2.19 13.77 21.17
C LEU C 109 -2.44 14.89 20.18
N GLU C 110 -3.45 14.69 19.34
CA GLU C 110 -3.83 15.68 18.35
C GLU C 110 -5.27 16.06 18.63
N ILE C 111 -5.57 17.35 18.53
CA ILE C 111 -6.93 17.82 18.76
C ILE C 111 -7.69 17.77 17.44
N LYS C 112 -8.88 17.17 17.49
CA LYS C 112 -9.73 17.07 16.32
C LYS C 112 -10.56 18.37 16.25
N ARG C 113 -10.93 18.77 15.05
CA ARG C 113 -11.75 19.96 14.87
C ARG C 113 -12.31 19.98 13.45
N THR C 114 -13.19 20.94 13.16
CA THR C 114 -13.79 21.00 11.83
C THR C 114 -12.78 21.35 10.73
N VAL C 115 -13.06 20.88 9.51
CA VAL C 115 -12.20 21.13 8.38
C VAL C 115 -12.15 22.62 8.11
N ALA C 116 -10.95 23.11 7.77
CA ALA C 116 -10.72 24.51 7.49
C ALA C 116 -9.76 24.66 6.31
N ALA C 117 -10.22 25.35 5.26
CA ALA C 117 -9.40 25.58 4.06
C ALA C 117 -8.33 26.60 4.39
N PRO C 118 -7.10 26.38 3.88
CA PRO C 118 -6.00 27.31 4.14
C PRO C 118 -6.13 28.60 3.36
N SER C 119 -5.55 29.65 3.91
CA SER C 119 -5.55 30.96 3.28
C SER C 119 -4.15 31.01 2.67
N VAL C 120 -4.08 31.02 1.35
CA VAL C 120 -2.80 31.01 0.64
C VAL C 120 -2.21 32.37 0.26
N PHE C 121 -0.94 32.56 0.59
CA PHE C 121 -0.23 33.80 0.27
C PHE C 121 1.10 33.48 -0.41
N ILE C 122 1.46 34.26 -1.41
CA ILE C 122 2.71 34.05 -2.13
C ILE C 122 3.61 35.28 -2.05
N PHE C 123 4.87 35.06 -1.68
CA PHE C 123 5.84 36.13 -1.55
C PHE C 123 7.00 35.89 -2.53
N PRO C 124 7.34 36.91 -3.33
CA PRO C 124 8.45 36.81 -4.31
C PRO C 124 9.76 37.22 -3.64
N PRO C 125 10.90 36.77 -4.19
CA PRO C 125 12.20 37.12 -3.60
C PRO C 125 12.29 38.61 -3.27
N SER C 126 12.99 38.92 -2.21
CA SER C 126 13.16 40.30 -1.82
C SER C 126 14.15 40.90 -2.81
N ASP C 127 14.17 42.22 -2.93
CA ASP C 127 15.10 42.86 -3.84
C ASP C 127 16.50 42.64 -3.27
N GLU C 128 16.65 42.92 -1.97
CA GLU C 128 17.92 42.75 -1.27
C GLU C 128 18.50 41.38 -1.49
N GLN C 129 17.67 40.35 -1.36
CA GLN C 129 18.13 38.99 -1.54
C GLN C 129 18.48 38.66 -2.99
N LEU C 130 17.84 39.36 -3.92
CA LEU C 130 18.08 39.12 -5.34
C LEU C 130 19.46 39.59 -5.80
N LYS C 131 19.87 40.77 -5.36
CA LYS C 131 21.17 41.29 -5.74
C LYS C 131 22.27 40.47 -5.08
N SER C 132 21.88 39.57 -4.20
CA SER C 132 22.83 38.73 -3.50
C SER C 132 23.14 37.45 -4.29
N GLY C 133 22.36 37.20 -5.35
CA GLY C 133 22.62 36.02 -6.15
C GLY C 133 21.59 34.90 -6.12
N THR C 134 20.67 34.92 -5.15
CA THR C 134 19.65 33.89 -5.08
C THR C 134 18.25 34.45 -4.86
N ALA C 135 17.25 33.71 -5.35
CA ALA C 135 15.86 34.10 -5.21
C ALA C 135 15.14 33.04 -4.40
N SER C 136 14.36 33.49 -3.41
CA SER C 136 13.60 32.56 -2.58
C SER C 136 12.14 32.99 -2.63
N VAL C 137 11.31 32.13 -3.22
CA VAL C 137 9.88 32.40 -3.35
C VAL C 137 9.16 31.60 -2.27
N VAL C 138 8.40 32.30 -1.44
CA VAL C 138 7.68 31.68 -0.34
C VAL C 138 6.16 31.66 -0.51
N CYS C 139 5.57 30.49 -0.32
CA CYS C 139 4.12 30.29 -0.41
C CYS C 139 3.66 29.92 0.99
N LEU C 140 2.64 30.63 1.50
CA LEU C 140 2.12 30.38 2.84
C LEU C 140 0.67 29.87 2.90
N LEU C 141 0.49 28.77 3.63
CA LEU C 141 -0.83 28.13 3.84
C LEU C 141 -1.15 28.40 5.28
N ASN C 142 -2.06 29.33 5.51
CA ASN C 142 -2.44 29.72 6.86
C ASN C 142 -3.70 29.10 7.43
N ASN C 143 -3.61 28.74 8.70
CA ASN C 143 -4.71 28.17 9.48
C ASN C 143 -5.59 27.14 8.83
N PHE C 144 -5.08 25.94 8.62
CA PHE C 144 -5.92 24.90 8.02
C PHE C 144 -5.97 23.65 8.93
N TYR C 145 -6.88 22.74 8.59
CA TYR C 145 -7.07 21.46 9.30
C TYR C 145 -7.94 20.58 8.40
N PRO C 146 -7.59 19.30 8.25
CA PRO C 146 -6.46 18.59 8.86
C PRO C 146 -5.11 18.97 8.23
N ARG C 147 -4.04 18.48 8.86
CA ARG C 147 -2.69 18.75 8.43
C ARG C 147 -2.33 18.42 6.99
N GLU C 148 -2.91 17.36 6.42
CA GLU C 148 -2.60 17.01 5.04
C GLU C 148 -2.94 18.15 4.08
N ALA C 149 -1.91 18.59 3.37
CA ALA C 149 -2.00 19.67 2.39
C ALA C 149 -0.89 19.45 1.36
N LYS C 150 -1.15 19.76 0.10
CA LYS C 150 -0.14 19.57 -0.94
C LYS C 150 0.17 20.87 -1.67
N VAL C 151 1.43 21.28 -1.63
CA VAL C 151 1.87 22.50 -2.30
C VAL C 151 2.72 22.12 -3.51
N GLN C 152 2.27 22.52 -4.69
CA GLN C 152 3.00 22.22 -5.92
C GLN C 152 3.37 23.53 -6.62
N TRP C 153 4.66 23.74 -6.84
CA TRP C 153 5.15 24.95 -7.49
C TRP C 153 5.19 24.83 -9.02
N LYS C 154 5.03 25.95 -9.71
CA LYS C 154 5.05 25.98 -11.17
C LYS C 154 5.56 27.34 -11.67
N VAL C 155 6.59 27.27 -12.50
CA VAL C 155 7.21 28.45 -13.08
C VAL C 155 7.00 28.39 -14.59
N ASP C 156 6.50 29.47 -15.18
CA ASP C 156 6.24 29.48 -16.63
C ASP C 156 5.23 28.36 -16.84
N ASN C 157 4.53 27.99 -15.76
CA ASN C 157 3.54 26.92 -15.77
C ASN C 157 4.14 25.52 -15.82
N ALA C 158 5.40 25.41 -15.44
CA ALA C 158 6.09 24.12 -15.43
C ALA C 158 6.28 23.60 -14.00
N LEU C 159 5.70 22.44 -13.71
CA LEU C 159 5.78 21.84 -12.39
C LEU C 159 7.21 21.67 -11.90
N GLN C 160 7.57 22.45 -10.88
CA GLN C 160 8.91 22.41 -10.29
C GLN C 160 9.03 21.19 -9.37
N SER C 161 10.19 20.55 -9.42
CA SER C 161 10.42 19.38 -8.58
C SER C 161 11.87 19.26 -8.16
N GLY C 162 12.09 19.04 -6.86
CA GLY C 162 13.45 18.89 -6.34
C GLY C 162 14.11 20.17 -5.88
N ASN C 163 13.41 21.30 -5.97
CA ASN C 163 13.98 22.60 -5.57
C ASN C 163 13.13 23.42 -4.57
N SER C 164 12.33 22.73 -3.75
CA SER C 164 11.50 23.43 -2.77
C SER C 164 11.41 22.60 -1.51
N GLN C 165 11.22 23.29 -0.37
CA GLN C 165 11.10 22.64 0.93
C GLN C 165 10.00 23.30 1.74
N GLU C 166 9.28 22.50 2.52
CA GLU C 166 8.23 23.06 3.34
C GLU C 166 8.41 22.71 4.79
N SER C 167 7.78 23.51 5.64
CA SER C 167 7.84 23.33 7.07
C SER C 167 6.43 23.64 7.56
N VAL C 168 5.97 22.87 8.54
CA VAL C 168 4.64 23.08 9.09
C VAL C 168 4.66 23.24 10.61
N THR C 169 3.89 24.20 11.11
CA THR C 169 3.79 24.49 12.53
C THR C 169 3.04 23.43 13.31
N GLU C 170 3.26 23.39 14.62
CA GLU C 170 2.56 22.44 15.47
C GLU C 170 1.12 22.95 15.62
N GLN C 171 0.19 22.06 15.95
CA GLN C 171 -1.20 22.46 16.12
C GLN C 171 -1.34 23.64 17.07
N ASP C 172 -2.12 24.64 16.66
CA ASP C 172 -2.33 25.82 17.47
C ASP C 172 -3.13 25.51 18.73
N SER C 173 -2.61 25.97 19.86
CA SER C 173 -3.21 25.78 21.18
C SER C 173 -4.49 26.55 21.36
N LYS C 174 -5.00 27.10 20.26
CA LYS C 174 -6.22 27.87 20.33
C LYS C 174 -7.23 27.41 19.31
N ASP C 175 -6.93 27.59 18.02
CA ASP C 175 -7.88 27.18 17.00
C ASP C 175 -7.58 25.78 16.51
N SER C 176 -6.54 25.17 17.07
CA SER C 176 -6.18 23.81 16.69
C SER C 176 -5.77 23.61 15.23
N THR C 177 -5.48 24.69 14.51
CA THR C 177 -5.09 24.55 13.10
C THR C 177 -3.58 24.47 12.88
N TYR C 178 -3.21 24.21 11.64
CA TYR C 178 -1.81 24.13 11.23
C TYR C 178 -1.55 25.25 10.21
N SER C 179 -0.29 25.62 10.08
CA SER C 179 0.12 26.62 9.11
C SER C 179 1.36 26.03 8.45
N LEU C 180 1.51 26.26 7.15
CA LEU C 180 2.64 25.71 6.41
C LEU C 180 3.32 26.75 5.54
N SER C 181 4.64 26.62 5.38
CA SER C 181 5.40 27.53 4.56
C SER C 181 6.26 26.73 3.60
N SER C 182 6.12 27.02 2.31
CA SER C 182 6.90 26.32 1.29
C SER C 182 7.83 27.34 0.66
N THR C 183 9.09 26.94 0.49
CA THR C 183 10.05 27.83 -0.13
C THR C 183 10.65 27.18 -1.37
N LEU C 184 10.58 27.90 -2.49
CA LEU C 184 11.14 27.46 -3.74
C LEU C 184 12.38 28.33 -3.92
N THR C 185 13.53 27.71 -4.16
CA THR C 185 14.79 28.46 -4.33
C THR C 185 15.42 28.28 -5.71
N LEU C 186 15.78 29.42 -6.30
CA LEU C 186 16.41 29.46 -7.61
C LEU C 186 17.48 30.53 -7.61
N SER C 187 18.48 30.34 -8.46
CA SER C 187 19.54 31.33 -8.57
C SER C 187 18.87 32.54 -9.22
N LYS C 188 19.39 33.72 -8.94
CA LYS C 188 18.86 34.94 -9.53
C LYS C 188 18.82 34.70 -11.05
N ALA C 189 19.76 33.91 -11.54
CA ALA C 189 19.86 33.61 -12.95
C ALA C 189 18.57 33.02 -13.52
N ASP C 190 18.26 31.79 -13.14
CA ASP C 190 17.04 31.14 -13.62
C ASP C 190 15.82 31.94 -13.21
N TYR C 191 15.90 32.59 -12.06
CA TYR C 191 14.79 33.39 -11.59
C TYR C 191 14.35 34.38 -12.66
N GLU C 192 15.25 34.70 -13.58
CA GLU C 192 14.94 35.64 -14.65
C GLU C 192 14.55 35.01 -15.98
N LYS C 193 14.75 33.71 -16.11
CA LYS C 193 14.41 33.02 -17.35
C LYS C 193 12.93 32.61 -17.42
N HIS C 194 12.12 33.16 -16.52
CA HIS C 194 10.70 32.82 -16.51
C HIS C 194 9.84 33.98 -16.00
N LYS C 195 8.55 33.93 -16.32
CA LYS C 195 7.63 34.99 -15.94
C LYS C 195 6.65 34.71 -14.78
N VAL C 196 5.84 33.66 -14.90
CA VAL C 196 4.89 33.37 -13.84
C VAL C 196 5.35 32.37 -12.80
N TYR C 197 5.27 32.79 -11.54
CA TYR C 197 5.61 31.95 -10.41
C TYR C 197 4.32 31.67 -9.66
N ALA C 198 3.99 30.39 -9.48
CA ALA C 198 2.76 30.05 -8.80
C ALA C 198 2.86 28.84 -7.90
N CYS C 199 2.08 28.83 -6.81
CA CYS C 199 2.06 27.68 -5.92
C CYS C 199 0.62 27.17 -5.92
N GLU C 200 0.49 25.88 -6.19
CA GLU C 200 -0.80 25.23 -6.27
C GLU C 200 -1.07 24.41 -5.02
N VAL C 201 -2.10 24.81 -4.29
CA VAL C 201 -2.47 24.13 -3.07
C VAL C 201 -3.72 23.29 -3.19
N THR C 202 -3.61 22.04 -2.74
CA THR C 202 -4.74 21.15 -2.76
C THR C 202 -4.96 20.68 -1.31
N HIS C 203 -6.16 20.97 -0.79
CA HIS C 203 -6.50 20.61 0.58
C HIS C 203 -7.94 20.08 0.64
N GLN C 204 -8.22 19.30 1.68
CA GLN C 204 -9.54 18.70 1.90
C GLN C 204 -10.67 19.70 1.99
N GLY C 205 -10.39 20.88 2.56
CA GLY C 205 -11.40 21.92 2.67
C GLY C 205 -11.54 22.73 1.39
N LEU C 206 -10.95 22.24 0.30
CA LEU C 206 -11.01 22.91 -1.01
C LEU C 206 -11.51 21.95 -2.05
N SER C 207 -12.61 22.31 -2.71
CA SER C 207 -13.20 21.47 -3.76
C SER C 207 -12.16 21.13 -4.81
N SER C 208 -11.34 22.12 -5.18
CA SER C 208 -10.30 21.93 -6.18
C SER C 208 -9.05 22.74 -5.81
N PRO C 209 -7.86 22.25 -6.22
CA PRO C 209 -6.60 22.92 -5.94
C PRO C 209 -6.62 24.41 -6.25
N VAL C 210 -6.37 25.22 -5.23
CA VAL C 210 -6.35 26.67 -5.34
C VAL C 210 -4.91 27.13 -5.62
N THR C 211 -4.71 27.95 -6.63
CA THR C 211 -3.35 28.43 -6.92
C THR C 211 -3.25 29.95 -6.82
N LYS C 212 -2.10 30.42 -6.33
CA LYS C 212 -1.81 31.85 -6.17
C LYS C 212 -0.51 32.15 -6.92
N SER C 213 -0.39 33.33 -7.50
CA SER C 213 0.83 33.66 -8.25
C SER C 213 1.08 35.15 -8.46
N PHE C 214 2.29 35.46 -8.94
CA PHE C 214 2.66 36.84 -9.22
C PHE C 214 3.38 36.97 -10.56
N ASN C 215 3.44 38.21 -11.05
CA ASN C 215 4.06 38.56 -12.32
C ASN C 215 5.57 38.37 -12.42
N ARG C 216 6.26 39.46 -12.78
CA ARG C 216 7.71 39.48 -12.95
C ARG C 216 8.45 38.30 -12.32
N GLN D 1 14.36 31.11 41.34
CA GLN D 1 15.19 29.94 41.77
C GLN D 1 14.64 28.64 41.19
N VAL D 2 15.33 28.12 40.18
CA VAL D 2 14.92 26.86 39.55
C VAL D 2 15.70 25.70 40.17
N GLN D 3 14.98 24.63 40.46
CA GLN D 3 15.56 23.43 41.07
C GLN D 3 16.79 22.95 40.34
N LEU D 4 16.75 23.00 39.01
CA LEU D 4 17.87 22.54 38.18
C LEU D 4 18.29 23.57 37.13
N LEU D 5 19.59 23.84 37.05
CA LEU D 5 20.13 24.80 36.07
C LEU D 5 21.13 24.15 35.12
N GLU D 6 20.67 23.82 33.92
CA GLU D 6 21.51 23.17 32.92
C GLU D 6 22.49 24.17 32.31
N SER D 7 23.61 23.68 31.80
CA SER D 7 24.58 24.57 31.17
C SER D 7 24.10 24.81 29.72
N GLY D 8 24.72 25.77 29.05
CA GLY D 8 24.32 26.10 27.69
C GLY D 8 24.60 25.11 26.57
N PRO D 9 24.07 25.39 25.37
CA PRO D 9 24.27 24.51 24.20
C PRO D 9 25.70 24.56 23.72
N GLU D 10 26.27 23.40 23.41
CA GLU D 10 27.64 23.33 22.96
C GLU D 10 27.70 22.78 21.53
N LEU D 11 28.52 23.44 20.71
CA LEU D 11 28.73 23.03 19.32
C LEU D 11 30.14 22.47 19.32
N LYS D 12 30.31 21.26 18.81
CA LYS D 12 31.62 20.64 18.83
C LYS D 12 31.82 19.78 17.60
N LYS D 13 33.08 19.69 17.17
CA LYS D 13 33.41 18.88 16.00
C LYS D 13 33.73 17.48 16.48
N PRO D 14 33.64 16.50 15.58
CA PRO D 14 33.92 15.09 15.89
C PRO D 14 35.26 14.90 16.61
N GLY D 15 35.28 14.03 17.62
CA GLY D 15 36.51 13.80 18.35
C GLY D 15 36.73 14.74 19.53
N GLU D 16 36.13 15.92 19.49
CA GLU D 16 36.27 16.88 20.58
C GLU D 16 35.55 16.34 21.83
N THR D 17 35.61 17.08 22.93
CA THR D 17 34.98 16.64 24.16
C THR D 17 34.02 17.68 24.73
N VAL D 18 33.03 17.23 25.49
CA VAL D 18 32.04 18.11 26.13
C VAL D 18 31.84 17.73 27.57
N LYS D 19 31.50 18.72 28.38
CA LYS D 19 31.22 18.51 29.80
C LYS D 19 30.01 19.37 30.16
N ILE D 20 28.84 18.74 30.14
CA ILE D 20 27.61 19.42 30.49
C ILE D 20 27.50 19.46 32.01
N SER D 21 26.94 20.54 32.54
CA SER D 21 26.79 20.70 33.97
C SER D 21 25.34 20.89 34.38
N CYS D 22 25.02 20.49 35.60
CA CYS D 22 23.67 20.61 36.13
C CYS D 22 23.79 21.01 37.59
N LYS D 23 23.18 22.15 37.94
CA LYS D 23 23.24 22.66 39.30
C LYS D 23 21.92 22.55 40.03
N ALA D 24 21.95 21.78 41.13
CA ALA D 24 20.77 21.56 41.95
C ALA D 24 20.55 22.75 42.91
N SER D 25 19.28 23.18 43.02
CA SER D 25 18.89 24.31 43.85
C SER D 25 19.16 24.15 45.33
N GLY D 26 20.33 24.62 45.77
CA GLY D 26 20.69 24.51 47.17
C GLY D 26 20.36 23.11 47.64
N TYR D 27 19.26 22.98 48.37
CA TYR D 27 18.82 21.68 48.86
C TYR D 27 18.54 20.78 47.67
N THR D 28 17.64 19.82 47.85
CA THR D 28 17.31 18.86 46.80
C THR D 28 18.54 18.08 46.32
N PHE D 29 19.73 18.66 46.44
CA PHE D 29 20.91 17.96 45.94
C PHE D 29 21.05 16.54 46.45
N THR D 30 21.06 16.33 47.76
CA THR D 30 21.18 14.97 48.29
C THR D 30 19.85 14.27 48.49
N ASN D 31 18.77 14.93 48.08
CA ASN D 31 17.43 14.35 48.23
C ASN D 31 17.01 13.61 46.99
N TYR D 32 17.86 13.62 45.96
CA TYR D 32 17.54 12.95 44.71
C TYR D 32 18.78 12.30 44.11
N GLY D 33 18.55 11.38 43.19
CA GLY D 33 19.65 10.75 42.50
C GLY D 33 19.63 11.54 41.20
N MET D 34 20.80 11.91 40.69
CA MET D 34 20.81 12.67 39.43
C MET D 34 20.98 11.73 38.25
N ASN D 35 19.97 11.68 37.39
CA ASN D 35 20.00 10.82 36.21
C ASN D 35 20.20 11.62 34.93
N TRP D 36 20.76 10.96 33.93
CA TRP D 36 21.00 11.61 32.65
C TRP D 36 20.26 10.84 31.57
N VAL D 37 19.38 11.51 30.83
CA VAL D 37 18.70 10.83 29.75
C VAL D 37 18.91 11.59 28.44
N LYS D 38 19.21 10.82 27.39
CA LYS D 38 19.46 11.37 26.07
C LYS D 38 18.26 11.19 25.15
N GLN D 39 17.94 12.25 24.42
CA GLN D 39 16.84 12.24 23.48
C GLN D 39 17.38 12.74 22.15
N ALA D 40 17.72 11.81 21.26
CA ALA D 40 18.26 12.17 19.96
C ALA D 40 17.19 12.87 19.15
N PRO D 41 17.60 13.78 18.24
CA PRO D 41 16.65 14.53 17.39
C PRO D 41 15.62 13.60 16.76
N GLY D 42 14.37 13.74 17.19
CA GLY D 42 13.30 12.91 16.68
C GLY D 42 13.53 11.43 17.00
N LYS D 43 13.97 11.16 18.22
CA LYS D 43 14.24 9.79 18.67
C LYS D 43 13.68 9.60 20.07
N GLY D 44 13.56 8.35 20.51
CA GLY D 44 13.03 8.09 21.83
C GLY D 44 13.98 8.52 22.93
N LEU D 45 13.50 8.48 24.17
CA LEU D 45 14.31 8.85 25.33
C LEU D 45 15.11 7.63 25.77
N LYS D 46 16.39 7.83 26.05
CA LYS D 46 17.25 6.73 26.46
C LYS D 46 18.00 7.06 27.75
N TRP D 47 17.78 6.26 28.77
CA TRP D 47 18.43 6.46 30.06
C TRP D 47 19.94 6.19 29.94
N MET D 48 20.77 7.13 30.40
CA MET D 48 22.23 7.02 30.33
C MET D 48 22.87 6.45 31.61
N GLY D 49 22.20 6.68 32.73
CA GLY D 49 22.69 6.21 34.01
C GLY D 49 22.37 7.28 35.03
N TRP D 50 22.97 7.19 36.21
CA TRP D 50 22.72 8.18 37.25
C TRP D 50 23.87 8.22 38.24
N ILE D 51 24.03 9.35 38.92
CA ILE D 51 25.10 9.47 39.88
C ILE D 51 24.54 9.71 41.28
N ASN D 52 25.19 9.09 42.27
CA ASN D 52 24.79 9.20 43.67
C ASN D 52 25.33 10.49 44.24
N THR D 53 24.43 11.36 44.69
CA THR D 53 24.85 12.65 45.26
C THR D 53 25.14 12.56 46.77
N TYR D 54 25.08 11.35 47.31
CA TYR D 54 25.32 11.14 48.73
C TYR D 54 26.71 10.54 48.88
N THR D 55 26.94 9.52 48.07
CA THR D 55 28.18 8.75 48.01
C THR D 55 29.11 9.29 46.92
N GLY D 56 28.52 9.76 45.83
CA GLY D 56 29.30 10.30 44.73
C GLY D 56 29.71 9.31 43.66
N GLU D 57 29.12 8.11 43.68
CA GLU D 57 29.49 7.11 42.69
C GLU D 57 28.48 6.95 41.57
N PRO D 58 28.97 6.94 40.31
CA PRO D 58 28.16 6.80 39.09
C PRO D 58 27.85 5.39 38.67
N THR D 59 26.67 5.24 38.08
CA THR D 59 26.19 3.96 37.56
C THR D 59 25.86 4.22 36.08
N TYR D 60 26.52 3.48 35.17
CA TYR D 60 26.30 3.67 33.74
C TYR D 60 25.42 2.61 33.10
N ALA D 61 24.58 3.05 32.16
CA ALA D 61 23.72 2.11 31.44
C ALA D 61 24.66 1.39 30.46
N ASP D 62 24.32 0.16 30.11
CA ASP D 62 25.15 -0.61 29.20
C ASP D 62 25.62 0.19 27.99
N ASP D 63 24.67 0.64 27.17
CA ASP D 63 24.96 1.42 25.96
C ASP D 63 25.82 2.68 26.16
N PHE D 64 26.01 3.10 27.41
CA PHE D 64 26.80 4.28 27.68
C PHE D 64 28.02 4.03 28.55
N LYS D 65 28.54 2.81 28.45
CA LYS D 65 29.73 2.42 29.19
C LYS D 65 30.92 2.69 28.26
N GLY D 66 31.82 3.57 28.67
CA GLY D 66 32.97 3.85 27.83
C GLY D 66 33.35 5.30 27.66
N ARG D 67 32.76 5.96 26.68
CA ARG D 67 33.09 7.34 26.41
C ARG D 67 32.34 8.36 27.28
N PHE D 68 31.58 7.86 28.25
CA PHE D 68 30.79 8.73 29.14
C PHE D 68 31.25 8.73 30.60
N ALA D 69 31.14 9.90 31.23
CA ALA D 69 31.57 10.04 32.63
C ALA D 69 30.77 11.04 33.46
N PHE D 70 30.19 10.56 34.56
CA PHE D 70 29.43 11.41 35.46
C PHE D 70 30.35 11.76 36.62
N SER D 71 30.32 13.01 37.05
CA SER D 71 31.16 13.45 38.16
C SER D 71 30.36 14.39 39.05
N LEU D 72 30.91 14.72 40.22
CA LEU D 72 30.22 15.61 41.15
C LEU D 72 31.02 16.82 41.60
N GLU D 73 30.28 17.83 42.07
CA GLU D 73 30.87 19.06 42.58
C GLU D 73 30.03 19.43 43.79
N THR D 74 30.22 18.65 44.85
CA THR D 74 29.50 18.80 46.09
C THR D 74 29.31 20.25 46.57
N SER D 75 30.42 20.95 46.83
CA SER D 75 30.34 22.31 47.32
C SER D 75 29.43 23.16 46.44
N ALA D 76 29.31 22.78 45.17
CA ALA D 76 28.48 23.51 44.22
C ALA D 76 27.15 22.84 43.92
N SER D 77 26.88 21.70 44.56
CA SER D 77 25.64 20.95 44.33
C SER D 77 25.46 20.76 42.82
N THR D 78 26.56 20.42 42.16
CA THR D 78 26.56 20.26 40.72
C THR D 78 27.00 18.89 40.23
N ALA D 79 26.34 18.43 39.17
CA ALA D 79 26.64 17.15 38.53
C ALA D 79 27.06 17.43 37.08
N TYR D 80 28.00 16.65 36.56
CA TYR D 80 28.51 16.83 35.21
C TYR D 80 28.43 15.61 34.31
N LEU D 81 28.12 15.86 33.04
CA LEU D 81 28.09 14.79 32.05
C LEU D 81 29.21 15.09 31.06
N GLN D 82 30.11 14.14 30.87
CA GLN D 82 31.22 14.33 29.94
C GLN D 82 31.26 13.21 28.92
N ILE D 83 31.46 13.61 27.67
CA ILE D 83 31.54 12.69 26.56
C ILE D 83 32.75 13.10 25.74
N ASN D 84 33.58 12.13 25.38
CA ASN D 84 34.76 12.40 24.57
C ASN D 84 34.66 11.52 23.33
N ASN D 85 35.37 11.92 22.27
CA ASN D 85 35.33 11.18 21.01
C ASN D 85 33.96 11.45 20.41
N LEU D 86 33.50 12.68 20.54
CA LEU D 86 32.20 13.08 20.03
C LEU D 86 31.93 12.53 18.63
N LYS D 87 30.96 11.64 18.53
CA LYS D 87 30.57 11.08 17.24
C LYS D 87 29.40 11.96 16.83
N ASN D 88 28.90 11.78 15.62
CA ASN D 88 27.77 12.59 15.16
C ASN D 88 26.52 12.08 15.88
N GLU D 89 26.59 10.83 16.33
CA GLU D 89 25.51 10.15 17.02
C GLU D 89 25.19 10.74 18.39
N ASP D 90 26.16 11.43 19.00
CA ASP D 90 25.93 12.04 20.29
C ASP D 90 25.19 13.36 20.13
N THR D 91 24.82 13.68 18.89
CA THR D 91 24.09 14.92 18.68
C THR D 91 22.69 14.71 19.26
N ALA D 92 22.35 15.49 20.26
CA ALA D 92 21.04 15.34 20.89
C ALA D 92 20.87 16.31 22.03
N THR D 93 19.74 16.14 22.73
CA THR D 93 19.45 16.95 23.90
C THR D 93 19.66 16.01 25.08
N TYR D 94 20.39 16.50 26.08
CA TYR D 94 20.69 15.72 27.27
C TYR D 94 19.99 16.33 28.49
N PHE D 95 19.06 15.58 29.07
CA PHE D 95 18.33 16.05 30.23
C PHE D 95 18.96 15.58 31.53
N CYS D 96 19.04 16.48 32.49
CA CYS D 96 19.56 16.17 33.82
C CYS D 96 18.26 15.93 34.59
N VAL D 97 18.11 14.73 35.16
CA VAL D 97 16.88 14.41 35.87
C VAL D 97 17.02 13.94 37.31
N GLN D 98 16.30 14.61 38.20
CA GLN D 98 16.27 14.28 39.62
C GLN D 98 15.21 13.21 39.88
N ALA D 99 15.64 12.08 40.45
CA ALA D 99 14.72 10.98 40.75
C ALA D 99 14.61 10.73 42.24
N GLU D 100 13.43 10.30 42.67
CA GLU D 100 13.18 9.96 44.07
C GLU D 100 13.25 8.43 44.20
N ARG D 101 13.98 7.95 45.20
CA ARG D 101 14.19 6.53 45.44
C ARG D 101 12.98 5.64 45.74
N LEU D 102 12.12 6.07 46.66
CA LEU D 102 10.96 5.26 47.03
C LEU D 102 9.94 5.01 45.94
N ARG D 103 9.62 6.05 45.16
CA ARG D 103 8.65 5.87 44.08
C ARG D 103 9.34 5.52 42.76
N ARG D 104 10.66 5.68 42.73
CA ARG D 104 11.45 5.39 41.54
C ARG D 104 10.92 6.20 40.38
N THR D 105 10.82 7.51 40.59
CA THR D 105 10.29 8.39 39.55
C THR D 105 11.25 9.48 39.17
N PHE D 106 11.10 10.01 37.96
CA PHE D 106 11.92 11.13 37.51
C PHE D 106 11.02 12.32 37.80
N ASP D 107 11.15 12.86 39.01
CA ASP D 107 10.35 13.98 39.50
C ASP D 107 10.54 15.28 38.76
N TYR D 108 11.77 15.75 38.70
CA TYR D 108 12.07 17.01 38.05
C TYR D 108 13.08 16.89 36.93
N TRP D 109 12.68 17.35 35.75
CA TRP D 109 13.52 17.33 34.56
C TRP D 109 14.10 18.72 34.27
N GLY D 110 15.40 18.78 34.02
CA GLY D 110 16.03 20.05 33.71
C GLY D 110 15.64 20.46 32.29
N ALA D 111 15.99 21.67 31.89
CA ALA D 111 15.64 22.16 30.57
C ALA D 111 16.33 21.39 29.44
N GLY D 112 17.41 20.70 29.77
CA GLY D 112 18.13 19.94 28.75
C GLY D 112 19.22 20.77 28.08
N THR D 113 20.32 20.12 27.73
CA THR D 113 21.42 20.80 27.05
C THR D 113 21.60 20.12 25.70
N THR D 114 21.65 20.92 24.63
CA THR D 114 21.84 20.33 23.31
C THR D 114 23.29 20.30 22.91
N VAL D 115 23.67 19.17 22.33
CA VAL D 115 25.03 18.97 21.86
C VAL D 115 24.89 18.80 20.36
N THR D 116 25.65 19.58 19.60
CA THR D 116 25.62 19.48 18.14
C THR D 116 27.00 19.11 17.62
N VAL D 117 27.14 17.91 17.07
CA VAL D 117 28.41 17.46 16.56
C VAL D 117 28.54 17.59 15.05
N SER D 118 29.28 18.60 14.62
CA SER D 118 29.50 18.85 13.20
C SER D 118 30.83 19.55 12.99
N SER D 119 31.38 19.40 11.79
CA SER D 119 32.67 20.01 11.47
C SER D 119 32.48 21.46 11.03
N ALA D 120 31.25 21.81 10.67
CA ALA D 120 30.92 23.17 10.23
C ALA D 120 31.09 24.20 11.32
N SER D 121 31.33 25.44 10.92
CA SER D 121 31.51 26.55 11.85
C SER D 121 30.18 27.30 11.98
N THR D 122 30.11 28.21 12.93
CA THR D 122 28.88 28.98 13.12
C THR D 122 28.68 29.89 11.91
N LYS D 123 27.53 30.54 11.84
CA LYS D 123 27.23 31.44 10.75
C LYS D 123 25.91 32.16 11.03
N GLY D 124 25.98 33.48 11.07
CA GLY D 124 24.78 34.27 11.33
C GLY D 124 23.86 34.20 10.13
N PRO D 125 22.57 34.52 10.32
CA PRO D 125 21.60 34.49 9.23
C PRO D 125 21.46 35.85 8.56
N SER D 126 20.97 35.84 7.33
CA SER D 126 20.73 37.07 6.59
C SER D 126 19.21 37.18 6.70
N VAL D 127 18.71 38.33 7.13
CA VAL D 127 17.26 38.48 7.25
C VAL D 127 16.67 39.31 6.11
N PHE D 128 15.82 38.65 5.31
CA PHE D 128 15.17 39.28 4.18
C PHE D 128 13.68 39.43 4.44
N PRO D 129 13.07 40.51 3.93
CA PRO D 129 11.64 40.71 4.15
C PRO D 129 10.73 39.87 3.25
N LEU D 130 9.46 39.82 3.63
CA LEU D 130 8.39 39.13 2.92
C LEU D 130 7.29 40.18 2.85
N ALA D 131 7.49 41.17 1.97
CA ALA D 131 6.55 42.28 1.79
C ALA D 131 5.08 41.90 1.77
N PRO D 132 4.25 42.63 2.54
CA PRO D 132 2.81 42.41 2.64
C PRO D 132 2.09 42.75 1.34
N SER D 133 2.16 41.83 0.38
CA SER D 133 1.53 42.05 -0.92
C SER D 133 2.19 43.28 -1.55
N SER D 134 2.71 43.13 -2.76
CA SER D 134 3.41 44.21 -3.47
C SER D 134 2.45 45.15 -4.22
N LYS D 135 1.23 44.67 -4.47
CA LYS D 135 0.23 45.46 -5.18
C LYS D 135 -1.14 45.25 -4.53
N SER D 136 -1.17 44.49 -3.43
CA SER D 136 -2.42 44.22 -2.73
C SER D 136 -2.48 44.83 -1.32
N THR D 137 -2.95 46.07 -1.25
CA THR D 137 -3.09 46.78 0.01
C THR D 137 -4.57 47.09 0.18
N SER D 138 -5.03 47.18 1.43
CA SER D 138 -6.43 47.49 1.74
C SER D 138 -7.39 46.35 1.36
N GLY D 139 -7.92 45.68 2.38
CA GLY D 139 -8.84 44.59 2.17
C GLY D 139 -8.68 43.48 3.19
N GLY D 140 -9.09 43.75 4.43
CA GLY D 140 -8.99 42.75 5.49
C GLY D 140 -7.65 42.70 6.20
N THR D 141 -6.99 41.55 6.10
CA THR D 141 -5.68 41.35 6.70
C THR D 141 -4.69 41.07 5.58
N ALA D 142 -3.44 41.48 5.77
CA ALA D 142 -2.41 41.31 4.75
C ALA D 142 -1.33 40.29 5.07
N ALA D 143 -0.59 39.94 4.01
CA ALA D 143 0.53 38.99 4.03
C ALA D 143 1.52 39.28 5.16
N LEU D 144 2.67 39.87 4.82
CA LEU D 144 3.71 40.26 5.80
C LEU D 144 4.47 39.18 6.57
N GLY D 145 5.79 39.15 6.37
CA GLY D 145 6.60 38.16 7.05
C GLY D 145 8.09 38.46 7.01
N CYS D 146 8.90 37.48 7.36
CA CYS D 146 10.35 37.64 7.36
C CYS D 146 10.99 36.31 7.02
N LEU D 147 12.05 36.34 6.24
CA LEU D 147 12.75 35.13 5.85
C LEU D 147 14.16 35.19 6.43
N VAL D 148 14.46 34.29 7.35
CA VAL D 148 15.79 34.29 7.96
C VAL D 148 16.52 33.03 7.48
N LYS D 149 17.54 33.23 6.64
CA LYS D 149 18.26 32.10 6.10
C LYS D 149 19.79 32.08 6.14
N ASP D 150 20.30 30.87 5.92
CA ASP D 150 21.72 30.57 5.88
C ASP D 150 22.41 30.84 7.20
N TYR D 151 21.95 30.16 8.24
CA TYR D 151 22.54 30.29 9.55
C TYR D 151 22.88 28.90 10.06
N PHE D 152 23.67 28.87 11.12
CA PHE D 152 24.08 27.61 11.72
C PHE D 152 24.85 27.84 13.02
N PRO D 153 24.57 27.01 14.03
CA PRO D 153 23.58 25.94 13.93
C PRO D 153 22.28 26.48 14.54
N GLU D 154 21.28 25.62 14.69
CA GLU D 154 20.04 26.09 15.29
C GLU D 154 20.35 26.47 16.73
N PRO D 155 19.49 27.28 17.36
CA PRO D 155 18.28 27.83 16.77
C PRO D 155 18.41 29.34 16.58
N VAL D 156 17.35 29.88 16.01
CA VAL D 156 17.23 31.30 15.78
C VAL D 156 15.97 31.63 16.56
N THR D 157 15.83 32.87 17.02
CA THR D 157 14.64 33.28 17.77
C THR D 157 14.07 34.50 17.07
N VAL D 158 12.78 34.47 16.79
CA VAL D 158 12.12 35.57 16.10
C VAL D 158 10.92 36.11 16.85
N SER D 159 10.97 37.41 17.18
CA SER D 159 9.87 38.07 17.88
C SER D 159 9.41 39.17 16.94
N TRP D 160 8.27 39.78 17.24
CA TRP D 160 7.76 40.85 16.39
C TRP D 160 7.47 42.13 17.16
N ASN D 161 8.11 43.23 16.73
CA ASN D 161 7.96 44.53 17.37
C ASN D 161 8.42 44.44 18.82
N SER D 162 9.46 43.63 19.04
CA SER D 162 10.05 43.43 20.37
C SER D 162 9.11 42.72 21.35
N GLY D 163 8.21 41.90 20.82
CA GLY D 163 7.27 41.18 21.66
C GLY D 163 5.90 41.86 21.65
N ALA D 164 5.84 43.04 21.04
CA ALA D 164 4.61 43.81 20.95
C ALA D 164 3.56 43.06 20.15
N LEU D 165 3.96 42.60 18.97
CA LEU D 165 3.08 41.85 18.10
C LEU D 165 3.22 40.37 18.44
N THR D 166 2.12 39.77 18.87
CA THR D 166 2.12 38.36 19.23
C THR D 166 0.97 37.62 18.54
N SER D 167 0.02 38.40 18.03
CA SER D 167 -1.16 37.84 17.37
C SER D 167 -1.00 37.47 15.89
N GLY D 168 -1.41 36.24 15.57
CA GLY D 168 -1.33 35.76 14.20
C GLY D 168 0.10 35.39 13.82
N VAL D 169 1.03 35.67 14.73
CA VAL D 169 2.44 35.37 14.49
C VAL D 169 2.67 33.86 14.36
N HIS D 170 3.40 33.48 13.30
CA HIS D 170 3.71 32.09 13.05
C HIS D 170 5.13 31.89 12.56
N THR D 171 5.97 31.40 13.45
CA THR D 171 7.37 31.13 13.17
C THR D 171 7.47 29.63 12.90
N PHE D 172 7.89 29.27 11.69
CA PHE D 172 7.97 27.86 11.33
C PHE D 172 9.26 27.14 11.68
N PRO D 173 9.21 25.80 11.78
CA PRO D 173 10.41 25.03 12.10
C PRO D 173 11.45 25.36 11.05
N ALA D 174 12.73 25.29 11.40
CA ALA D 174 13.76 25.58 10.42
C ALA D 174 13.97 24.36 9.55
N VAL D 175 14.19 24.61 8.27
CA VAL D 175 14.42 23.53 7.33
C VAL D 175 15.92 23.56 6.96
N LEU D 176 16.54 22.38 6.92
CA LEU D 176 17.95 22.28 6.58
C LEU D 176 18.19 22.20 5.07
N GLN D 177 18.89 23.21 4.54
CA GLN D 177 19.18 23.27 3.10
C GLN D 177 20.31 22.34 2.65
N SER D 178 20.48 22.23 1.33
CA SER D 178 21.52 21.36 0.76
C SER D 178 22.90 21.89 1.12
N SER D 179 22.98 23.18 1.42
CA SER D 179 24.23 23.80 1.80
C SER D 179 24.65 23.38 3.20
N GLY D 180 23.75 22.71 3.90
CA GLY D 180 24.03 22.28 5.26
C GLY D 180 23.73 23.43 6.19
N LEU D 181 23.04 24.43 5.66
CA LEU D 181 22.65 25.62 6.41
C LEU D 181 21.14 25.63 6.67
N TYR D 182 20.71 26.28 7.75
CA TYR D 182 19.30 26.31 8.09
C TYR D 182 18.57 27.50 7.52
N SER D 183 17.26 27.34 7.35
CA SER D 183 16.45 28.41 6.82
C SER D 183 15.06 28.33 7.42
N LEU D 184 14.51 29.46 7.89
CA LEU D 184 13.17 29.48 8.45
C LEU D 184 12.45 30.78 8.13
N SER D 185 11.13 30.76 8.26
CA SER D 185 10.33 31.94 8.00
C SER D 185 9.38 32.15 9.18
N SER D 186 9.03 33.41 9.39
CA SER D 186 8.13 33.81 10.47
C SER D 186 7.18 34.79 9.83
N VAL D 187 5.90 34.46 9.79
CA VAL D 187 4.92 35.36 9.18
C VAL D 187 3.89 35.84 10.21
N VAL D 188 3.26 36.98 9.94
CA VAL D 188 2.23 37.53 10.82
C VAL D 188 1.12 38.08 9.99
N THR D 189 -0.10 37.71 10.32
CA THR D 189 -1.26 38.21 9.60
C THR D 189 -1.71 39.46 10.36
N VAL D 190 -1.96 40.55 9.62
CA VAL D 190 -2.37 41.82 10.22
C VAL D 190 -3.39 42.56 9.34
N PRO D 191 -4.21 43.45 9.95
CA PRO D 191 -5.23 44.22 9.22
C PRO D 191 -4.64 45.13 8.16
N SER D 192 -5.11 44.95 6.92
CA SER D 192 -4.64 45.74 5.80
C SER D 192 -4.60 47.22 6.17
N SER D 193 -5.49 47.60 7.08
CA SER D 193 -5.56 48.98 7.54
C SER D 193 -4.22 49.43 8.09
N SER D 194 -3.87 48.92 9.26
CA SER D 194 -2.62 49.27 9.92
C SER D 194 -1.39 49.20 9.03
N LEU D 195 -1.54 48.69 7.81
CA LEU D 195 -0.40 48.58 6.89
C LEU D 195 0.42 49.87 6.89
N GLY D 196 -0.25 51.00 7.06
CA GLY D 196 0.44 52.28 7.07
C GLY D 196 0.56 52.89 8.45
N THR D 197 -0.55 52.92 9.19
CA THR D 197 -0.55 53.49 10.55
C THR D 197 0.40 52.76 11.50
N GLN D 198 0.68 51.50 11.20
CA GLN D 198 1.58 50.71 12.05
C GLN D 198 2.84 50.24 11.33
N THR D 199 3.90 50.10 12.11
CA THR D 199 5.20 49.66 11.61
C THR D 199 5.47 48.21 12.01
N TYR D 200 6.13 47.46 11.13
CA TYR D 200 6.42 46.07 11.42
C TYR D 200 7.89 45.70 11.27
N ILE D 201 8.48 45.26 12.37
CA ILE D 201 9.88 44.87 12.38
C ILE D 201 10.02 43.51 13.05
N CYS D 202 10.78 42.62 12.40
CA CYS D 202 10.99 41.29 12.95
C CYS D 202 12.39 41.25 13.54
N ASN D 203 12.48 40.94 14.83
CA ASN D 203 13.77 40.86 15.50
C ASN D 203 14.28 39.45 15.58
N VAL D 204 15.28 39.15 14.75
CA VAL D 204 15.89 37.83 14.72
C VAL D 204 17.10 37.82 15.64
N ASN D 205 17.41 36.64 16.18
CA ASN D 205 18.54 36.52 17.07
C ASN D 205 19.12 35.13 17.00
N HIS D 206 20.40 35.04 16.63
CA HIS D 206 21.10 33.77 16.56
C HIS D 206 22.16 33.91 17.63
N LYS D 207 22.09 33.07 18.67
CA LYS D 207 23.07 33.14 19.77
C LYS D 207 24.40 32.49 19.44
N PRO D 208 24.37 31.32 18.75
CA PRO D 208 25.64 30.67 18.42
C PRO D 208 26.62 31.57 17.69
N SER D 209 26.14 32.71 17.20
CA SER D 209 26.99 33.66 16.47
C SER D 209 26.87 35.08 16.98
N ASN D 210 25.96 35.29 17.93
CA ASN D 210 25.72 36.60 18.50
C ASN D 210 25.11 37.56 17.50
N THR D 211 24.36 37.02 16.53
CA THR D 211 23.70 37.84 15.53
C THR D 211 22.39 38.29 16.16
N LYS D 212 22.10 39.58 16.06
CA LYS D 212 20.88 40.14 16.62
C LYS D 212 20.38 41.24 15.71
N VAL D 213 19.78 40.84 14.59
CA VAL D 213 19.27 41.79 13.61
C VAL D 213 17.77 42.04 13.70
N ASP D 214 17.36 43.19 13.17
CA ASP D 214 15.97 43.58 13.13
C ASP D 214 15.72 44.03 11.70
N LYS D 215 14.61 43.61 11.11
CA LYS D 215 14.31 44.00 9.75
C LYS D 215 12.92 44.57 9.60
N LYS D 216 12.84 45.65 8.83
CA LYS D 216 11.58 46.32 8.57
C LYS D 216 10.96 45.70 7.32
N VAL D 217 9.68 45.39 7.41
CA VAL D 217 8.97 44.82 6.29
C VAL D 217 7.89 45.79 5.83
N GLU D 218 8.12 46.41 4.68
CA GLU D 218 7.17 47.37 4.12
C GLU D 218 6.66 46.94 2.75
N PRO D 219 5.42 47.33 2.42
CA PRO D 219 4.77 47.00 1.15
C PRO D 219 5.67 47.10 -0.09
#